data_2E72
#
_entry.id   2E72
#
loop_
_entity.id
_entity.type
_entity.pdbx_description
1 polymer 'Pogo transposable element with ZNF domain'
2 non-polymer 'ZINC ION'
#
_entity_poly.entity_id   1
_entity_poly.type   'polypeptide(L)'
_entity_poly.pdbx_seq_one_letter_code
;GSSGSSGQDGGRKICPRCNAQFRVTEALRGHMCYCCPEMVEYQSGPSSG
;
_entity_poly.pdbx_strand_id   A
#
loop_
_chem_comp.id
_chem_comp.type
_chem_comp.name
_chem_comp.formula
ZN non-polymer 'ZINC ION' 'Zn 2'
#
# COMPACT_ATOMS: atom_id res chain seq x y z
N GLY A 1 1.02 -19.89 6.69
CA GLY A 1 -0.23 -20.11 7.40
C GLY A 1 -1.41 -20.26 6.46
N SER A 2 -2.11 -21.39 6.57
CA SER A 2 -3.27 -21.65 5.72
C SER A 2 -4.55 -21.68 6.55
N SER A 3 -4.60 -22.57 7.52
CA SER A 3 -5.77 -22.70 8.38
C SER A 3 -6.10 -21.37 9.06
N GLY A 4 -7.37 -20.99 9.00
CA GLY A 4 -7.80 -19.74 9.60
C GLY A 4 -8.45 -18.80 8.61
N SER A 5 -7.66 -17.92 8.01
CA SER A 5 -8.18 -16.97 7.04
C SER A 5 -8.98 -17.68 5.96
N SER A 6 -10.30 -17.54 6.02
CA SER A 6 -11.18 -18.17 5.05
C SER A 6 -10.93 -17.62 3.64
N GLY A 7 -9.99 -18.25 2.93
CA GLY A 7 -9.66 -17.82 1.59
C GLY A 7 -8.58 -16.76 1.57
N GLN A 8 -7.35 -17.18 1.26
CA GLN A 8 -6.22 -16.26 1.21
C GLN A 8 -6.51 -15.11 0.26
N ASP A 9 -6.10 -13.91 0.67
CA ASP A 9 -6.30 -12.71 -0.15
C ASP A 9 -5.17 -12.54 -1.16
N GLY A 10 -5.54 -12.19 -2.38
CA GLY A 10 -4.54 -11.99 -3.43
C GLY A 10 -3.85 -10.66 -3.32
N GLY A 11 -2.62 -10.58 -3.85
CA GLY A 11 -1.87 -9.33 -3.80
C GLY A 11 -1.73 -8.80 -2.38
N ARG A 12 -1.25 -9.65 -1.48
CA ARG A 12 -1.05 -9.26 -0.09
C ARG A 12 -0.60 -7.81 0.02
N LYS A 13 -1.53 -6.92 0.35
CA LYS A 13 -1.22 -5.51 0.49
C LYS A 13 -0.98 -5.13 1.95
N ILE A 14 0.25 -4.78 2.28
CA ILE A 14 0.61 -4.41 3.64
C ILE A 14 1.47 -3.14 3.65
N CYS A 15 1.20 -2.26 4.59
CA CYS A 15 1.95 -1.01 4.72
C CYS A 15 3.39 -1.28 5.11
N PRO A 16 4.33 -0.85 4.26
CA PRO A 16 5.77 -1.03 4.51
C PRO A 16 6.27 -0.18 5.67
N ARG A 17 5.36 0.53 6.31
CA ARG A 17 5.72 1.39 7.44
C ARG A 17 5.26 0.78 8.76
N CYS A 18 3.96 0.84 9.02
CA CYS A 18 3.39 0.29 10.24
C CYS A 18 3.18 -1.21 10.11
N ASN A 19 2.92 -1.66 8.89
CA ASN A 19 2.68 -3.08 8.63
C ASN A 19 1.35 -3.53 9.22
N ALA A 20 0.27 -2.85 8.85
CA ALA A 20 -1.05 -3.19 9.35
C ALA A 20 -1.77 -4.13 8.39
N GLN A 21 -2.99 -4.51 8.75
CA GLN A 21 -3.78 -5.42 7.93
C GLN A 21 -5.00 -4.70 7.34
N PHE A 22 -5.12 -4.73 6.02
CA PHE A 22 -6.23 -4.09 5.34
C PHE A 22 -6.87 -5.04 4.33
N ARG A 23 -8.15 -4.80 4.05
CA ARG A 23 -8.89 -5.63 3.11
C ARG A 23 -9.18 -4.87 1.81
N VAL A 24 -9.73 -3.67 1.96
CA VAL A 24 -10.04 -2.84 0.80
C VAL A 24 -8.88 -1.91 0.44
N THR A 25 -8.76 -1.60 -0.83
CA THR A 25 -7.70 -0.73 -1.31
C THR A 25 -7.94 0.71 -0.88
N GLU A 26 -9.16 1.00 -0.44
CA GLU A 26 -9.52 2.35 0.00
C GLU A 26 -8.81 2.70 1.30
N ALA A 27 -9.00 1.85 2.32
CA ALA A 27 -8.40 2.06 3.62
C ALA A 27 -6.91 2.38 3.48
N LEU A 28 -6.19 1.53 2.75
CA LEU A 28 -4.76 1.71 2.54
C LEU A 28 -4.48 3.06 1.88
N ARG A 29 -5.21 3.35 0.81
CA ARG A 29 -5.05 4.60 0.08
C ARG A 29 -4.93 5.78 1.04
N GLY A 30 -5.94 5.95 1.90
CA GLY A 30 -5.93 7.03 2.85
C GLY A 30 -4.94 6.81 3.98
N HIS A 31 -5.16 5.74 4.74
CA HIS A 31 -4.28 5.41 5.86
C HIS A 31 -2.83 5.68 5.51
N MET A 32 -2.42 5.23 4.32
CA MET A 32 -1.05 5.42 3.86
C MET A 32 -0.75 6.89 3.63
N CYS A 33 -1.55 7.53 2.79
CA CYS A 33 -1.37 8.95 2.48
C CYS A 33 -0.92 9.71 3.72
N TYR A 34 -1.55 9.42 4.85
CA TYR A 34 -1.22 10.09 6.11
C TYR A 34 -0.08 9.36 6.82
N CYS A 35 -0.30 8.10 7.15
CA CYS A 35 0.70 7.30 7.84
C CYS A 35 2.06 7.41 7.15
N CYS A 36 2.12 6.95 5.90
CA CYS A 36 3.36 7.00 5.13
C CYS A 36 3.12 7.63 3.76
N PRO A 37 3.18 8.96 3.70
CA PRO A 37 2.97 9.71 2.46
C PRO A 37 4.12 9.51 1.46
N GLU A 38 5.11 8.72 1.86
CA GLU A 38 6.26 8.45 1.00
C GLU A 38 5.85 7.67 -0.23
N MET A 39 5.40 6.43 -0.01
CA MET A 39 4.97 5.57 -1.11
C MET A 39 3.88 6.25 -1.94
N VAL A 40 2.79 6.61 -1.29
CA VAL A 40 1.68 7.27 -1.98
C VAL A 40 2.19 8.27 -3.01
N GLU A 41 2.16 7.86 -4.27
CA GLU A 41 2.63 8.72 -5.36
C GLU A 41 1.69 8.62 -6.57
N TYR A 42 1.20 9.77 -7.02
CA TYR A 42 0.30 9.81 -8.17
C TYR A 42 0.32 11.18 -8.83
N GLN A 43 0.20 11.19 -10.15
CA GLN A 43 0.21 12.45 -10.91
C GLN A 43 -1.09 13.21 -10.69
N SER A 44 -1.00 14.32 -9.97
CA SER A 44 -2.17 15.15 -9.68
C SER A 44 -2.09 16.48 -10.43
N GLY A 45 -0.97 17.18 -10.26
CA GLY A 45 -0.79 18.45 -10.93
C GLY A 45 -0.70 19.61 -9.95
N PRO A 46 -0.44 20.81 -10.47
CA PRO A 46 -0.25 21.03 -11.92
C PRO A 46 1.05 20.41 -12.43
N SER A 47 1.25 20.45 -13.74
CA SER A 47 2.45 19.90 -14.35
C SER A 47 3.46 21.00 -14.65
N SER A 48 4.64 20.60 -15.12
CA SER A 48 5.69 21.55 -15.46
C SER A 48 5.34 22.33 -16.72
N GLY A 49 5.59 23.63 -16.70
CA GLY A 49 5.30 24.46 -17.85
C GLY A 49 6.55 24.86 -18.61
ZN ZN B . 0.92 2.55 7.65
N GLY A 1 8.85 -11.97 -10.57
CA GLY A 1 7.96 -11.13 -11.36
C GLY A 1 8.62 -10.62 -12.63
N SER A 2 7.87 -9.86 -13.42
CA SER A 2 8.38 -9.31 -14.66
C SER A 2 9.74 -8.66 -14.45
N SER A 3 10.60 -8.71 -15.47
CA SER A 3 11.93 -8.13 -15.38
C SER A 3 11.89 -6.65 -15.79
N GLY A 4 11.74 -5.77 -14.80
CA GLY A 4 11.70 -4.36 -15.06
C GLY A 4 12.15 -3.53 -13.88
N SER A 5 12.08 -2.21 -14.02
CA SER A 5 12.49 -1.30 -12.95
C SER A 5 11.56 -1.42 -11.75
N SER A 6 10.28 -1.14 -11.98
CA SER A 6 9.28 -1.21 -10.91
C SER A 6 8.42 -2.46 -11.06
N GLY A 7 7.58 -2.71 -10.06
CA GLY A 7 6.71 -3.88 -10.09
C GLY A 7 6.71 -4.62 -8.77
N GLN A 8 5.53 -4.75 -8.18
CA GLN A 8 5.38 -5.45 -6.90
C GLN A 8 4.56 -6.72 -7.08
N ASP A 9 5.21 -7.86 -6.84
CA ASP A 9 4.54 -9.16 -6.97
C ASP A 9 3.11 -9.09 -6.42
N GLY A 10 2.14 -9.42 -7.25
CA GLY A 10 0.76 -9.39 -6.83
C GLY A 10 0.41 -10.54 -5.91
N GLY A 11 0.38 -10.27 -4.60
CA GLY A 11 0.06 -11.31 -3.64
C GLY A 11 -0.77 -10.79 -2.49
N ARG A 12 -0.31 -9.71 -1.86
CA ARG A 12 -1.03 -9.12 -0.74
C ARG A 12 -0.77 -7.61 -0.66
N LYS A 13 -1.43 -6.96 0.27
CA LYS A 13 -1.28 -5.51 0.46
C LYS A 13 -1.02 -5.18 1.92
N ILE A 14 0.18 -4.68 2.21
CA ILE A 14 0.54 -4.31 3.58
C ILE A 14 1.40 -3.04 3.59
N CYS A 15 1.14 -2.18 4.56
CA CYS A 15 1.89 -0.94 4.70
C CYS A 15 3.34 -1.21 5.09
N PRO A 16 4.27 -0.78 4.23
CA PRO A 16 5.71 -0.97 4.48
C PRO A 16 6.22 -0.11 5.62
N ARG A 17 5.32 0.62 6.26
CA ARG A 17 5.67 1.49 7.38
C ARG A 17 5.21 0.89 8.70
N CYS A 18 3.89 0.80 8.87
CA CYS A 18 3.32 0.25 10.09
C CYS A 18 3.13 -1.26 9.97
N ASN A 19 2.90 -1.73 8.75
CA ASN A 19 2.70 -3.15 8.50
C ASN A 19 1.38 -3.63 9.10
N ALA A 20 0.30 -2.93 8.77
CA ALA A 20 -1.02 -3.29 9.28
C ALA A 20 -1.79 -4.13 8.26
N GLN A 21 -2.81 -4.82 8.73
CA GLN A 21 -3.63 -5.66 7.86
C GLN A 21 -4.89 -4.93 7.42
N PHE A 22 -5.11 -4.87 6.10
CA PHE A 22 -6.28 -4.20 5.56
C PHE A 22 -7.03 -5.10 4.57
N ARG A 23 -8.32 -4.86 4.42
CA ARG A 23 -9.15 -5.66 3.53
C ARG A 23 -9.43 -4.89 2.24
N VAL A 24 -9.94 -3.67 2.38
CA VAL A 24 -10.26 -2.84 1.22
C VAL A 24 -9.07 -1.97 0.83
N THR A 25 -8.92 -1.73 -0.47
CA THR A 25 -7.83 -0.92 -0.99
C THR A 25 -7.96 0.53 -0.53
N GLU A 26 -9.13 1.10 -0.73
CA GLU A 26 -9.38 2.49 -0.33
C GLU A 26 -8.67 2.81 0.97
N ALA A 27 -8.81 1.94 1.96
CA ALA A 27 -8.18 2.14 3.26
C ALA A 27 -6.69 2.44 3.10
N LEU A 28 -5.96 1.53 2.47
CA LEU A 28 -4.53 1.70 2.26
C LEU A 28 -4.24 3.07 1.63
N ARG A 29 -4.99 3.40 0.57
CA ARG A 29 -4.80 4.66 -0.11
C ARG A 29 -4.71 5.82 0.88
N GLY A 30 -5.79 6.02 1.64
CA GLY A 30 -5.82 7.08 2.62
C GLY A 30 -4.91 6.81 3.80
N HIS A 31 -5.16 5.72 4.50
CA HIS A 31 -4.36 5.34 5.66
C HIS A 31 -2.88 5.63 5.42
N MET A 32 -2.37 5.16 4.28
CA MET A 32 -0.97 5.37 3.93
C MET A 32 -0.70 6.85 3.66
N CYS A 33 -1.60 7.49 2.93
CA CYS A 33 -1.46 8.90 2.59
C CYS A 33 -1.02 9.71 3.82
N TYR A 34 -1.64 9.43 4.95
CA TYR A 34 -1.32 10.13 6.19
C TYR A 34 -0.23 9.39 6.96
N CYS A 35 -0.40 8.08 7.12
CA CYS A 35 0.57 7.26 7.84
C CYS A 35 1.97 7.41 7.23
N CYS A 36 2.12 6.97 5.99
CA CYS A 36 3.40 7.05 5.30
C CYS A 36 3.25 7.75 3.95
N PRO A 37 3.22 9.09 3.99
CA PRO A 37 3.08 9.91 2.77
C PRO A 37 4.31 9.86 1.89
N GLU A 38 5.43 9.45 2.47
CA GLU A 38 6.69 9.36 1.74
C GLU A 38 6.58 8.35 0.60
N MET A 39 5.98 7.20 0.88
CA MET A 39 5.80 6.16 -0.13
C MET A 39 4.49 6.34 -0.87
N VAL A 40 4.21 7.57 -1.28
CA VAL A 40 2.98 7.87 -2.01
C VAL A 40 3.29 8.50 -3.37
N GLU A 41 2.52 8.11 -4.38
CA GLU A 41 2.71 8.64 -5.73
C GLU A 41 2.59 10.16 -5.74
N TYR A 42 1.49 10.66 -5.17
CA TYR A 42 1.25 12.10 -5.12
C TYR A 42 1.65 12.67 -3.75
N GLN A 43 2.53 13.66 -3.77
CA GLN A 43 2.99 14.30 -2.55
C GLN A 43 2.60 15.78 -2.52
N SER A 44 1.40 16.08 -2.99
CA SER A 44 0.92 17.45 -3.02
C SER A 44 1.05 18.11 -1.65
N GLY A 45 1.25 19.42 -1.65
CA GLY A 45 1.40 20.15 -0.40
C GLY A 45 0.06 20.52 0.22
N PRO A 46 0.10 21.00 1.47
CA PRO A 46 1.35 21.19 2.22
C PRO A 46 1.98 19.85 2.61
N SER A 47 3.14 19.93 3.27
CA SER A 47 3.85 18.72 3.70
C SER A 47 2.86 17.62 4.09
N SER A 48 2.03 17.91 5.09
CA SER A 48 1.05 16.94 5.56
C SER A 48 -0.24 17.03 4.74
N GLY A 49 -0.83 18.22 4.72
CA GLY A 49 -2.05 18.42 3.98
C GLY A 49 -3.23 17.67 4.58
ZN ZN B . 0.68 2.58 7.60
N GLY A 1 -11.65 -29.64 1.45
CA GLY A 1 -10.71 -30.03 0.42
C GLY A 1 -9.34 -30.37 0.97
N SER A 2 -8.90 -29.59 1.96
CA SER A 2 -7.59 -29.83 2.58
C SER A 2 -7.67 -29.61 4.09
N SER A 3 -7.18 -30.58 4.84
CA SER A 3 -7.19 -30.51 6.30
C SER A 3 -5.77 -30.44 6.85
N GLY A 4 -5.61 -29.72 7.96
CA GLY A 4 -4.30 -29.59 8.58
C GLY A 4 -3.38 -28.69 7.77
N SER A 5 -2.67 -29.28 6.82
CA SER A 5 -1.75 -28.53 5.98
C SER A 5 -2.38 -27.23 5.49
N SER A 6 -1.54 -26.29 5.07
CA SER A 6 -2.02 -25.00 4.59
C SER A 6 -1.49 -24.71 3.19
N GLY A 7 -2.27 -23.97 2.40
CA GLY A 7 -1.86 -23.63 1.05
C GLY A 7 -1.54 -22.16 0.88
N GLN A 8 -0.26 -21.86 0.73
CA GLN A 8 0.19 -20.48 0.56
C GLN A 8 -0.67 -19.75 -0.47
N ASP A 9 -0.55 -18.43 -0.50
CA ASP A 9 -1.31 -17.62 -1.45
C ASP A 9 -0.40 -16.64 -2.18
N GLY A 10 0.38 -15.89 -1.42
CA GLY A 10 1.29 -14.91 -2.01
C GLY A 10 1.31 -13.60 -1.27
N GLY A 11 2.03 -12.62 -1.80
CA GLY A 11 2.13 -11.33 -1.17
C GLY A 11 0.76 -10.77 -0.80
N ARG A 12 0.70 -10.02 0.30
CA ARG A 12 -0.54 -9.43 0.76
C ARG A 12 -0.38 -7.92 0.97
N LYS A 13 -1.44 -7.17 0.65
CA LYS A 13 -1.41 -5.72 0.81
C LYS A 13 -1.30 -5.34 2.28
N ILE A 14 -0.13 -4.83 2.66
CA ILE A 14 0.11 -4.42 4.05
C ILE A 14 1.05 -3.23 4.11
N CYS A 15 0.61 -2.17 4.80
CA CYS A 15 1.42 -0.96 4.93
C CYS A 15 2.87 -1.31 5.20
N PRO A 16 3.76 -0.93 4.27
CA PRO A 16 5.20 -1.19 4.39
C PRO A 16 5.85 -0.35 5.48
N ARG A 17 5.03 0.42 6.20
CA ARG A 17 5.53 1.28 7.27
C ARG A 17 5.14 0.71 8.64
N CYS A 18 3.86 0.42 8.81
CA CYS A 18 3.35 -0.13 10.06
C CYS A 18 2.71 -1.50 9.85
N ASN A 19 3.13 -2.18 8.79
CA ASN A 19 2.61 -3.50 8.46
C ASN A 19 1.10 -3.56 8.70
N ALA A 20 0.45 -2.40 8.63
CA ALA A 20 -1.00 -2.32 8.83
C ALA A 20 -1.72 -3.36 7.99
N GLN A 21 -2.70 -4.03 8.61
CA GLN A 21 -3.47 -5.05 7.93
C GLN A 21 -4.81 -4.49 7.45
N PHE A 22 -5.13 -4.74 6.18
CA PHE A 22 -6.38 -4.26 5.60
C PHE A 22 -6.92 -5.26 4.58
N ARG A 23 -8.15 -5.02 4.13
CA ARG A 23 -8.78 -5.91 3.15
C ARG A 23 -8.99 -5.17 1.82
N VAL A 24 -9.56 -3.97 1.90
CA VAL A 24 -9.82 -3.18 0.70
C VAL A 24 -8.70 -2.15 0.47
N THR A 25 -8.60 -1.67 -0.76
CA THR A 25 -7.58 -0.69 -1.11
C THR A 25 -7.88 0.67 -0.51
N GLU A 26 -9.12 1.13 -0.69
CA GLU A 26 -9.54 2.42 -0.15
C GLU A 26 -8.86 2.70 1.18
N ALA A 27 -8.99 1.77 2.12
CA ALA A 27 -8.39 1.91 3.43
C ALA A 27 -6.91 2.27 3.33
N LEU A 28 -6.12 1.33 2.80
CA LEU A 28 -4.68 1.54 2.65
C LEU A 28 -4.40 2.87 1.97
N ARG A 29 -5.11 3.14 0.88
CA ARG A 29 -4.93 4.39 0.14
C ARG A 29 -4.82 5.57 1.09
N GLY A 30 -5.86 5.78 1.89
CA GLY A 30 -5.86 6.89 2.84
C GLY A 30 -4.87 6.67 3.97
N HIS A 31 -5.13 5.66 4.79
CA HIS A 31 -4.26 5.35 5.93
C HIS A 31 -2.80 5.61 5.56
N MET A 32 -2.39 5.15 4.39
CA MET A 32 -1.02 5.33 3.93
C MET A 32 -0.70 6.81 3.73
N CYS A 33 -1.46 7.46 2.86
CA CYS A 33 -1.26 8.88 2.59
C CYS A 33 -0.86 9.64 3.85
N TYR A 34 -1.55 9.34 4.95
CA TYR A 34 -1.27 9.99 6.22
C TYR A 34 -0.11 9.32 6.94
N CYS A 35 -0.10 7.99 6.91
CA CYS A 35 0.95 7.22 7.55
C CYS A 35 2.32 7.61 7.01
N CYS A 36 2.55 7.32 5.73
CA CYS A 36 3.82 7.64 5.08
C CYS A 36 3.58 8.37 3.76
N PRO A 37 3.36 9.69 3.85
CA PRO A 37 3.12 10.54 2.68
C PRO A 37 4.37 10.71 1.83
N GLU A 38 5.45 10.04 2.22
CA GLU A 38 6.71 10.12 1.49
C GLU A 38 6.75 9.11 0.35
N MET A 39 6.55 7.84 0.68
CA MET A 39 6.56 6.78 -0.30
C MET A 39 5.45 6.97 -1.33
N VAL A 40 4.23 7.19 -0.83
CA VAL A 40 3.08 7.40 -1.71
C VAL A 40 3.48 8.14 -2.98
N GLU A 41 4.23 9.22 -2.82
CA GLU A 41 4.69 10.02 -3.95
C GLU A 41 5.97 10.77 -3.62
N TYR A 42 6.81 10.98 -4.63
CA TYR A 42 8.06 11.69 -4.44
C TYR A 42 7.99 13.10 -4.99
N GLN A 43 8.40 14.07 -4.19
CA GLN A 43 8.38 15.48 -4.59
C GLN A 43 9.36 15.72 -5.74
N SER A 44 8.84 16.18 -6.86
CA SER A 44 9.68 16.46 -8.03
C SER A 44 10.89 17.29 -7.64
N GLY A 45 11.96 17.18 -8.43
CA GLY A 45 13.17 17.94 -8.16
C GLY A 45 13.88 18.38 -9.42
N PRO A 46 15.17 18.73 -9.29
CA PRO A 46 15.86 18.70 -8.01
C PRO A 46 15.37 19.78 -7.05
N SER A 47 15.57 19.55 -5.75
CA SER A 47 15.14 20.50 -4.73
C SER A 47 16.14 21.63 -4.59
N SER A 48 15.67 22.86 -4.79
CA SER A 48 16.53 24.04 -4.69
C SER A 48 16.74 24.43 -3.22
N GLY A 49 15.65 24.78 -2.55
CA GLY A 49 15.74 25.17 -1.15
C GLY A 49 14.39 25.11 -0.45
ZN ZN B . 0.83 2.53 8.01
N GLY A 1 18.57 -20.21 -13.16
CA GLY A 1 18.74 -19.11 -12.23
C GLY A 1 17.42 -18.50 -11.81
N SER A 2 17.23 -17.22 -12.12
CA SER A 2 16.01 -16.52 -11.76
C SER A 2 14.92 -16.76 -12.81
N SER A 3 13.76 -17.21 -12.34
CA SER A 3 12.64 -17.50 -13.22
C SER A 3 12.08 -16.21 -13.82
N GLY A 4 11.61 -15.32 -12.95
CA GLY A 4 11.06 -14.06 -13.40
C GLY A 4 10.27 -13.35 -12.31
N SER A 5 10.95 -12.53 -11.53
CA SER A 5 10.31 -11.78 -10.45
C SER A 5 10.71 -10.32 -10.48
N SER A 6 9.72 -9.45 -10.68
CA SER A 6 9.96 -8.01 -10.73
C SER A 6 10.01 -7.41 -9.33
N GLY A 7 10.66 -8.11 -8.41
CA GLY A 7 10.75 -7.64 -7.04
C GLY A 7 9.41 -7.58 -6.35
N GLN A 8 8.73 -8.71 -6.29
CA GLN A 8 7.41 -8.77 -5.65
C GLN A 8 7.36 -9.90 -4.62
N ASP A 9 7.68 -9.57 -3.37
CA ASP A 9 7.67 -10.55 -2.30
C ASP A 9 6.24 -10.96 -1.94
N GLY A 10 5.71 -11.94 -2.67
CA GLY A 10 4.36 -12.40 -2.41
C GLY A 10 3.31 -11.44 -2.96
N GLY A 11 2.08 -11.94 -3.11
CA GLY A 11 1.01 -11.12 -3.63
C GLY A 11 0.05 -10.66 -2.54
N ARG A 12 0.38 -9.56 -1.89
CA ARG A 12 -0.45 -9.03 -0.81
C ARG A 12 -0.16 -7.54 -0.59
N LYS A 13 -1.11 -6.85 0.05
CA LYS A 13 -0.95 -5.43 0.33
C LYS A 13 -0.79 -5.19 1.83
N ILE A 14 0.35 -4.63 2.20
CA ILE A 14 0.64 -4.35 3.61
C ILE A 14 1.58 -3.15 3.75
N CYS A 15 1.12 -2.11 4.43
CA CYS A 15 1.92 -0.91 4.64
C CYS A 15 3.33 -1.27 5.09
N PRO A 16 4.32 -0.91 4.25
CA PRO A 16 5.73 -1.19 4.55
C PRO A 16 6.26 -0.35 5.71
N ARG A 17 5.37 0.44 6.32
CA ARG A 17 5.75 1.30 7.43
C ARG A 17 5.24 0.72 8.75
N CYS A 18 3.92 0.74 8.93
CA CYS A 18 3.31 0.22 10.14
C CYS A 18 3.10 -1.28 10.05
N ASN A 19 2.96 -1.78 8.83
CA ASN A 19 2.76 -3.21 8.59
C ASN A 19 1.42 -3.67 9.17
N ALA A 20 0.36 -2.93 8.86
CA ALA A 20 -0.97 -3.27 9.35
C ALA A 20 -1.68 -4.22 8.39
N GLN A 21 -2.91 -4.62 8.76
CA GLN A 21 -3.69 -5.52 7.94
C GLN A 21 -4.93 -4.82 7.39
N PHE A 22 -5.03 -4.78 6.06
CA PHE A 22 -6.18 -4.13 5.41
C PHE A 22 -6.91 -5.12 4.51
N ARG A 23 -8.22 -4.92 4.36
CA ARG A 23 -9.04 -5.79 3.53
C ARG A 23 -9.38 -5.10 2.21
N VAL A 24 -9.78 -3.84 2.29
CA VAL A 24 -10.14 -3.07 1.11
C VAL A 24 -8.93 -2.35 0.53
N THR A 25 -9.17 -1.53 -0.50
CA THR A 25 -8.09 -0.78 -1.14
C THR A 25 -8.15 0.69 -0.77
N GLU A 26 -9.36 1.21 -0.58
CA GLU A 26 -9.56 2.60 -0.22
C GLU A 26 -8.86 2.92 1.11
N ALA A 27 -8.89 1.97 2.02
CA ALA A 27 -8.26 2.15 3.33
C ALA A 27 -6.78 2.46 3.19
N LEU A 28 -6.05 1.56 2.54
CA LEU A 28 -4.62 1.73 2.34
C LEU A 28 -4.33 3.08 1.68
N ARG A 29 -5.07 3.39 0.62
CA ARG A 29 -4.88 4.65 -0.09
C ARG A 29 -4.80 5.82 0.87
N GLY A 30 -5.86 6.01 1.67
CA GLY A 30 -5.88 7.10 2.62
C GLY A 30 -4.95 6.86 3.79
N HIS A 31 -5.14 5.75 4.49
CA HIS A 31 -4.31 5.41 5.64
C HIS A 31 -2.84 5.70 5.34
N MET A 32 -2.37 5.25 4.18
CA MET A 32 -0.98 5.46 3.78
C MET A 32 -0.69 6.94 3.59
N CYS A 33 -1.52 7.61 2.79
CA CYS A 33 -1.34 9.03 2.53
C CYS A 33 -0.93 9.77 3.80
N TYR A 34 -1.62 9.47 4.90
CA TYR A 34 -1.33 10.12 6.18
C TYR A 34 -0.21 9.39 6.91
N CYS A 35 -0.40 8.10 7.16
CA CYS A 35 0.59 7.30 7.86
C CYS A 35 1.97 7.46 7.21
N CYS A 36 2.10 6.97 6.00
CA CYS A 36 3.38 7.06 5.27
C CYS A 36 3.18 7.80 3.95
N PRO A 37 3.22 9.14 4.01
CA PRO A 37 3.05 9.99 2.82
C PRO A 37 4.26 9.90 1.87
N GLU A 38 5.25 9.10 2.27
CA GLU A 38 6.45 8.93 1.45
C GLU A 38 6.16 8.06 0.24
N MET A 39 5.74 6.83 0.49
CA MET A 39 5.43 5.88 -0.59
C MET A 39 4.26 6.38 -1.42
N VAL A 40 3.17 6.73 -0.75
CA VAL A 40 1.98 7.23 -1.43
C VAL A 40 2.35 8.17 -2.57
N GLU A 41 2.21 7.69 -3.81
CA GLU A 41 2.53 8.49 -4.98
C GLU A 41 1.53 9.63 -5.15
N TYR A 42 1.98 10.72 -5.77
CA TYR A 42 1.12 11.87 -6.00
C TYR A 42 -0.11 11.48 -6.82
N GLN A 43 -1.14 12.31 -6.75
CA GLN A 43 -2.38 12.06 -7.49
C GLN A 43 -2.38 12.80 -8.81
N SER A 44 -1.82 12.17 -9.84
CA SER A 44 -1.75 12.78 -11.17
C SER A 44 -2.21 11.79 -12.24
N GLY A 45 -3.53 11.67 -12.39
CA GLY A 45 -4.08 10.76 -13.38
C GLY A 45 -5.05 9.76 -12.77
N PRO A 46 -4.49 8.81 -12.00
CA PRO A 46 -3.06 8.73 -11.74
C PRO A 46 -2.27 8.31 -12.98
N SER A 47 -2.99 7.79 -13.97
CA SER A 47 -2.35 7.35 -15.22
C SER A 47 -1.99 8.55 -16.09
N SER A 48 -0.70 8.82 -16.20
CA SER A 48 -0.22 9.94 -17.01
C SER A 48 0.41 9.45 -18.31
N GLY A 49 0.61 10.35 -19.25
CA GLY A 49 1.19 9.99 -20.52
C GLY A 49 0.34 10.43 -21.70
ZN ZN B . 0.80 2.61 7.55
N GLY A 1 -6.63 -29.53 4.14
CA GLY A 1 -5.44 -28.87 4.64
C GLY A 1 -4.57 -28.33 3.52
N SER A 2 -3.64 -29.16 3.05
CA SER A 2 -2.74 -28.77 1.97
C SER A 2 -3.45 -27.88 0.96
N SER A 3 -2.70 -26.95 0.37
CA SER A 3 -3.26 -26.03 -0.61
C SER A 3 -3.94 -26.79 -1.74
N GLY A 4 -4.68 -26.06 -2.58
CA GLY A 4 -5.37 -26.69 -3.69
C GLY A 4 -6.41 -25.78 -4.32
N SER A 5 -7.40 -25.38 -3.53
CA SER A 5 -8.47 -24.51 -4.01
C SER A 5 -8.19 -23.06 -3.63
N SER A 6 -7.81 -22.85 -2.37
CA SER A 6 -7.52 -21.51 -1.87
C SER A 6 -6.31 -20.91 -2.59
N GLY A 7 -6.37 -19.60 -2.83
CA GLY A 7 -5.28 -18.94 -3.51
C GLY A 7 -5.74 -17.72 -4.30
N GLN A 8 -5.38 -16.53 -3.81
CA GLN A 8 -5.77 -15.30 -4.47
C GLN A 8 -4.64 -14.77 -5.36
N ASP A 9 -4.93 -14.60 -6.64
CA ASP A 9 -3.95 -14.11 -7.60
C ASP A 9 -3.68 -12.62 -7.40
N GLY A 10 -2.64 -12.30 -6.65
CA GLY A 10 -2.31 -10.91 -6.39
C GLY A 10 -1.48 -10.73 -5.13
N GLY A 11 -0.38 -9.99 -5.24
CA GLY A 11 0.48 -9.77 -4.10
C GLY A 11 -0.27 -9.15 -2.92
N ARG A 12 -0.06 -9.72 -1.73
CA ARG A 12 -0.72 -9.22 -0.54
C ARG A 12 -0.47 -7.73 -0.36
N LYS A 13 -1.43 -7.04 0.27
CA LYS A 13 -1.31 -5.61 0.51
C LYS A 13 -1.10 -5.32 2.00
N ILE A 14 0.10 -4.89 2.34
CA ILE A 14 0.43 -4.57 3.73
C ILE A 14 1.29 -3.32 3.81
N CYS A 15 0.81 -2.33 4.57
CA CYS A 15 1.53 -1.08 4.73
C CYS A 15 2.99 -1.33 5.09
N PRO A 16 3.90 -0.97 4.16
CA PRO A 16 5.34 -1.15 4.36
C PRO A 16 5.90 -0.21 5.42
N ARG A 17 5.02 0.55 6.06
CA ARG A 17 5.43 1.50 7.10
C ARG A 17 5.09 0.96 8.48
N CYS A 18 3.84 0.54 8.66
CA CYS A 18 3.39 0.00 9.94
C CYS A 18 2.76 -1.38 9.76
N ASN A 19 3.15 -2.06 8.69
CA ASN A 19 2.62 -3.40 8.40
C ASN A 19 1.15 -3.48 8.76
N ALA A 20 0.45 -2.35 8.68
CA ALA A 20 -0.97 -2.30 8.99
C ALA A 20 -1.75 -3.31 8.15
N GLN A 21 -2.65 -4.03 8.81
CA GLN A 21 -3.47 -5.04 8.12
C GLN A 21 -4.78 -4.43 7.63
N PHE A 22 -5.06 -4.59 6.34
CA PHE A 22 -6.29 -4.06 5.76
C PHE A 22 -6.94 -5.09 4.85
N ARG A 23 -8.14 -4.77 4.37
CA ARG A 23 -8.88 -5.68 3.49
C ARG A 23 -9.14 -5.02 2.14
N VAL A 24 -9.53 -3.75 2.17
CA VAL A 24 -9.81 -3.01 0.95
C VAL A 24 -8.67 -2.07 0.59
N THR A 25 -8.58 -1.71 -0.69
CA THR A 25 -7.53 -0.81 -1.16
C THR A 25 -7.73 0.59 -0.62
N GLU A 26 -8.91 1.15 -0.84
CA GLU A 26 -9.23 2.50 -0.37
C GLU A 26 -8.66 2.73 1.03
N ALA A 27 -8.83 1.75 1.90
CA ALA A 27 -8.34 1.84 3.28
C ALA A 27 -6.84 2.14 3.29
N LEU A 28 -6.11 1.52 2.38
CA LEU A 28 -4.66 1.71 2.30
C LEU A 28 -4.33 3.08 1.72
N ARG A 29 -5.01 3.44 0.64
CA ARG A 29 -4.78 4.73 -0.01
C ARG A 29 -4.76 5.85 1.01
N GLY A 30 -5.82 5.94 1.82
CA GLY A 30 -5.91 6.98 2.83
C GLY A 30 -4.96 6.74 3.99
N HIS A 31 -5.11 5.59 4.65
CA HIS A 31 -4.26 5.25 5.78
C HIS A 31 -2.80 5.58 5.49
N MET A 32 -2.32 5.12 4.33
CA MET A 32 -0.94 5.37 3.94
C MET A 32 -0.68 6.87 3.74
N CYS A 33 -1.54 7.51 2.97
CA CYS A 33 -1.42 8.94 2.70
C CYS A 33 -1.02 9.69 3.96
N TYR A 34 -1.65 9.34 5.08
CA TYR A 34 -1.36 9.99 6.35
C TYR A 34 -0.19 9.32 7.05
N CYS A 35 -0.30 8.01 7.26
CA CYS A 35 0.76 7.25 7.93
C CYS A 35 2.08 7.41 7.18
N CYS A 36 2.15 6.84 5.99
CA CYS A 36 3.37 6.91 5.17
C CYS A 36 3.12 7.70 3.89
N PRO A 37 3.15 9.03 4.01
CA PRO A 37 2.92 9.93 2.87
C PRO A 37 4.07 9.90 1.87
N GLU A 38 5.07 9.07 2.16
CA GLU A 38 6.23 8.94 1.27
C GLU A 38 6.01 7.84 0.24
N MET A 39 5.53 6.69 0.70
CA MET A 39 5.27 5.56 -0.19
C MET A 39 3.91 5.70 -0.86
N VAL A 40 3.60 6.91 -1.33
CA VAL A 40 2.33 7.18 -2.00
C VAL A 40 2.56 7.71 -3.41
N GLU A 41 2.02 6.98 -4.39
CA GLU A 41 2.16 7.38 -5.78
C GLU A 41 1.16 8.48 -6.14
N TYR A 42 0.00 8.45 -5.49
CA TYR A 42 -1.04 9.44 -5.74
C TYR A 42 -0.61 10.82 -5.25
N GLN A 43 -0.65 11.80 -6.14
CA GLN A 43 -0.27 13.16 -5.80
C GLN A 43 -1.44 13.93 -5.20
N SER A 44 -1.64 13.76 -3.89
CA SER A 44 -2.73 14.43 -3.18
C SER A 44 -2.25 15.75 -2.58
N GLY A 45 -2.47 16.84 -3.31
CA GLY A 45 -2.06 18.14 -2.83
C GLY A 45 -2.22 19.23 -3.87
N PRO A 46 -1.37 19.20 -4.90
CA PRO A 46 -0.32 18.18 -5.04
C PRO A 46 0.78 18.35 -4.00
N SER A 47 1.13 17.26 -3.32
CA SER A 47 2.17 17.28 -2.30
C SER A 47 3.48 16.73 -2.85
N SER A 48 3.46 15.48 -3.30
CA SER A 48 4.65 14.83 -3.84
C SER A 48 5.16 15.58 -5.07
N GLY A 49 6.47 15.56 -5.26
CA GLY A 49 7.07 16.24 -6.40
C GLY A 49 8.46 15.74 -6.70
ZN ZN B . 0.92 2.52 7.82
N GLY A 1 14.76 -25.53 14.47
CA GLY A 1 14.16 -26.84 14.66
C GLY A 1 12.70 -26.87 14.23
N SER A 2 11.96 -27.87 14.73
CA SER A 2 10.55 -28.01 14.40
C SER A 2 9.87 -26.65 14.35
N SER A 3 9.90 -25.94 15.47
CA SER A 3 9.28 -24.61 15.55
C SER A 3 10.22 -23.54 15.01
N GLY A 4 9.68 -22.65 14.18
CA GLY A 4 10.48 -21.58 13.61
C GLY A 4 10.00 -21.18 12.22
N SER A 5 9.28 -20.07 12.14
CA SER A 5 8.77 -19.58 10.87
C SER A 5 9.54 -18.36 10.41
N SER A 6 10.68 -18.59 9.77
CA SER A 6 11.52 -17.50 9.28
C SER A 6 11.86 -17.71 7.81
N GLY A 7 11.09 -17.05 6.94
CA GLY A 7 11.34 -17.17 5.51
C GLY A 7 10.80 -15.98 4.73
N GLN A 8 9.83 -16.24 3.86
CA GLN A 8 9.24 -15.18 3.05
C GLN A 8 8.08 -14.51 3.78
N ASP A 9 7.90 -13.21 3.56
CA ASP A 9 6.84 -12.46 4.20
C ASP A 9 5.48 -12.83 3.61
N GLY A 10 5.38 -12.80 2.29
CA GLY A 10 4.14 -13.13 1.63
C GLY A 10 3.67 -12.06 0.68
N GLY A 11 2.89 -12.44 -0.32
CA GLY A 11 2.39 -11.47 -1.29
C GLY A 11 1.02 -10.93 -0.91
N ARG A 12 0.96 -10.22 0.21
CA ARG A 12 -0.29 -9.65 0.68
C ARG A 12 -0.14 -8.15 0.93
N LYS A 13 -1.17 -7.39 0.55
CA LYS A 13 -1.16 -5.94 0.73
C LYS A 13 -0.85 -5.57 2.18
N ILE A 14 0.30 -4.97 2.39
CA ILE A 14 0.71 -4.55 3.74
C ILE A 14 1.59 -3.31 3.68
N CYS A 15 1.35 -2.39 4.61
CA CYS A 15 2.11 -1.15 4.68
C CYS A 15 3.57 -1.43 5.07
N PRO A 16 4.50 -1.02 4.20
CA PRO A 16 5.94 -1.21 4.44
C PRO A 16 6.46 -0.34 5.57
N ARG A 17 5.56 0.39 6.22
CA ARG A 17 5.93 1.27 7.33
C ARG A 17 5.39 0.73 8.64
N CYS A 18 4.07 0.76 8.79
CA CYS A 18 3.42 0.29 10.00
C CYS A 18 3.15 -1.21 9.93
N ASN A 19 3.01 -1.72 8.71
CA ASN A 19 2.76 -3.14 8.49
C ASN A 19 1.43 -3.55 9.13
N ALA A 20 0.36 -2.86 8.76
CA ALA A 20 -0.96 -3.16 9.30
C ALA A 20 -1.75 -4.06 8.34
N GLN A 21 -2.89 -4.56 8.82
CA GLN A 21 -3.73 -5.44 8.01
C GLN A 21 -4.99 -4.72 7.55
N PHE A 22 -5.27 -4.80 6.25
CA PHE A 22 -6.45 -4.15 5.69
C PHE A 22 -7.25 -5.12 4.82
N ARG A 23 -8.45 -4.72 4.44
CA ARG A 23 -9.31 -5.55 3.61
C ARG A 23 -9.46 -4.96 2.22
N VAL A 24 -10.01 -3.75 2.15
CA VAL A 24 -10.23 -3.07 0.87
C VAL A 24 -9.01 -2.22 0.51
N THR A 25 -9.06 -1.61 -0.68
CA THR A 25 -7.97 -0.77 -1.15
C THR A 25 -8.09 0.65 -0.60
N GLU A 26 -9.25 1.27 -0.81
CA GLU A 26 -9.49 2.62 -0.33
C GLU A 26 -8.81 2.86 1.01
N ALA A 27 -8.87 1.86 1.89
CA ALA A 27 -8.25 1.95 3.20
C ALA A 27 -6.77 2.30 3.09
N LEU A 28 -6.01 1.42 2.46
CA LEU A 28 -4.57 1.63 2.28
C LEU A 28 -4.30 3.00 1.64
N ARG A 29 -5.10 3.34 0.63
CA ARG A 29 -4.94 4.61 -0.06
C ARG A 29 -4.82 5.77 0.93
N GLY A 30 -5.92 6.05 1.62
CA GLY A 30 -5.92 7.13 2.60
C GLY A 30 -4.98 6.87 3.75
N HIS A 31 -5.13 5.72 4.40
CA HIS A 31 -4.28 5.37 5.53
C HIS A 31 -2.82 5.70 5.23
N MET A 32 -2.30 5.17 4.12
CA MET A 32 -0.93 5.41 3.72
C MET A 32 -0.66 6.90 3.55
N CYS A 33 -1.58 7.59 2.89
CA CYS A 33 -1.45 9.02 2.65
C CYS A 33 -1.02 9.75 3.93
N TYR A 34 -1.74 9.47 5.02
CA TYR A 34 -1.44 10.09 6.30
C TYR A 34 -0.29 9.37 7.01
N CYS A 35 -0.48 8.08 7.25
CA CYS A 35 0.53 7.27 7.92
C CYS A 35 1.91 7.54 7.34
N CYS A 36 2.13 7.10 6.10
CA CYS A 36 3.41 7.30 5.43
C CYS A 36 3.22 7.98 4.08
N PRO A 37 3.17 9.32 4.10
CA PRO A 37 2.99 10.12 2.88
C PRO A 37 4.22 10.07 1.97
N GLU A 38 5.35 9.65 2.53
CA GLU A 38 6.59 9.57 1.77
C GLU A 38 6.58 8.34 0.86
N MET A 39 6.06 7.24 1.38
CA MET A 39 5.99 5.99 0.62
C MET A 39 4.62 5.82 -0.03
N VAL A 40 4.17 6.86 -0.73
CA VAL A 40 2.87 6.81 -1.39
C VAL A 40 3.04 6.69 -2.90
N GLU A 41 2.50 5.61 -3.46
CA GLU A 41 2.59 5.37 -4.90
C GLU A 41 1.95 6.51 -5.68
N TYR A 42 2.68 7.04 -6.65
CA TYR A 42 2.19 8.14 -7.48
C TYR A 42 1.24 7.63 -8.56
N GLN A 43 -0.04 7.55 -8.22
CA GLN A 43 -1.05 7.07 -9.16
C GLN A 43 -2.14 8.12 -9.36
N SER A 44 -2.68 8.63 -8.25
CA SER A 44 -3.73 9.64 -8.31
C SER A 44 -3.50 10.72 -7.27
N GLY A 45 -4.02 11.92 -7.53
CA GLY A 45 -3.86 13.02 -6.61
C GLY A 45 -4.50 12.75 -5.26
N PRO A 46 -5.83 12.75 -5.22
CA PRO A 46 -6.66 13.00 -6.40
C PRO A 46 -6.57 14.45 -6.88
N SER A 47 -7.29 14.76 -7.96
CA SER A 47 -7.29 16.10 -8.51
C SER A 47 -7.89 17.10 -7.51
N SER A 48 -7.80 18.38 -7.85
CA SER A 48 -8.33 19.44 -6.99
C SER A 48 -9.72 19.08 -6.47
N GLY A 49 -10.61 18.73 -7.38
CA GLY A 49 -11.96 18.36 -7.00
C GLY A 49 -12.83 19.57 -6.69
ZN ZN B . 0.91 2.56 7.32
N GLY A 1 2.65 -24.61 -20.55
CA GLY A 1 4.10 -24.56 -20.48
C GLY A 1 4.59 -24.09 -19.13
N SER A 2 4.02 -22.98 -18.65
CA SER A 2 4.42 -22.41 -17.36
C SER A 2 3.19 -22.20 -16.47
N SER A 3 3.45 -22.01 -15.18
CA SER A 3 2.37 -21.80 -14.22
C SER A 3 2.61 -20.53 -13.41
N GLY A 4 2.00 -19.43 -13.86
CA GLY A 4 2.16 -18.17 -13.16
C GLY A 4 3.28 -17.32 -13.75
N SER A 5 2.94 -16.11 -14.17
CA SER A 5 3.92 -15.20 -14.76
C SER A 5 5.04 -14.90 -13.76
N SER A 6 4.66 -14.50 -12.56
CA SER A 6 5.62 -14.16 -11.52
C SER A 6 5.04 -14.43 -10.13
N GLY A 7 5.88 -14.32 -9.11
CA GLY A 7 5.42 -14.55 -7.75
C GLY A 7 5.89 -13.46 -6.80
N GLN A 8 5.46 -12.23 -7.06
CA GLN A 8 5.83 -11.10 -6.21
C GLN A 8 4.61 -10.39 -5.66
N ASP A 9 3.63 -10.15 -6.54
CA ASP A 9 2.40 -9.47 -6.13
C ASP A 9 1.37 -10.49 -5.64
N GLY A 10 0.48 -10.03 -4.77
CA GLY A 10 -0.55 -10.91 -4.24
C GLY A 10 -0.38 -11.17 -2.74
N GLY A 11 -0.95 -12.27 -2.27
CA GLY A 11 -0.84 -12.61 -0.86
C GLY A 11 -1.78 -11.79 0.01
N ARG A 12 -1.27 -10.66 0.52
CA ARG A 12 -2.08 -9.80 1.37
C ARG A 12 -1.49 -8.39 1.40
N LYS A 13 -2.36 -7.38 1.41
CA LYS A 13 -1.93 -6.00 1.44
C LYS A 13 -1.51 -5.58 2.84
N ILE A 14 -0.28 -5.11 2.98
CA ILE A 14 0.24 -4.68 4.27
C ILE A 14 1.09 -3.42 4.14
N CYS A 15 0.84 -2.45 5.00
CA CYS A 15 1.58 -1.19 4.98
C CYS A 15 3.06 -1.43 5.28
N PRO A 16 3.93 -1.00 4.35
CA PRO A 16 5.38 -1.15 4.49
C PRO A 16 5.95 -0.25 5.58
N ARG A 17 5.07 0.44 6.29
CA ARG A 17 5.49 1.34 7.36
C ARG A 17 5.09 0.79 8.72
N CYS A 18 3.81 0.42 8.85
CA CYS A 18 3.29 -0.12 10.10
C CYS A 18 2.69 -1.50 9.89
N ASN A 19 3.16 -2.20 8.85
CA ASN A 19 2.67 -3.53 8.54
C ASN A 19 1.16 -3.62 8.77
N ALA A 20 0.48 -2.49 8.65
CA ALA A 20 -0.96 -2.44 8.84
C ALA A 20 -1.66 -3.55 8.06
N GLN A 21 -2.66 -4.16 8.68
CA GLN A 21 -3.41 -5.24 8.03
C GLN A 21 -4.76 -4.75 7.52
N PHE A 22 -4.86 -4.59 6.20
CA PHE A 22 -6.09 -4.11 5.58
C PHE A 22 -6.64 -5.16 4.61
N ARG A 23 -7.86 -4.91 4.11
CA ARG A 23 -8.50 -5.82 3.17
C ARG A 23 -8.82 -5.12 1.86
N VAL A 24 -9.34 -3.91 1.96
CA VAL A 24 -9.69 -3.12 0.78
C VAL A 24 -8.55 -2.21 0.36
N THR A 25 -8.70 -1.57 -0.80
CA THR A 25 -7.68 -0.67 -1.32
C THR A 25 -7.85 0.73 -0.76
N GLU A 26 -9.09 1.22 -0.75
CA GLU A 26 -9.38 2.55 -0.24
C GLU A 26 -8.70 2.79 1.10
N ALA A 27 -8.97 1.90 2.06
CA ALA A 27 -8.38 2.01 3.39
C ALA A 27 -6.89 2.37 3.30
N LEU A 28 -6.15 1.60 2.52
CA LEU A 28 -4.73 1.83 2.36
C LEU A 28 -4.46 3.20 1.76
N ARG A 29 -5.31 3.60 0.81
CA ARG A 29 -5.16 4.90 0.17
C ARG A 29 -5.06 6.02 1.20
N GLY A 30 -6.06 6.10 2.08
CA GLY A 30 -6.05 7.13 3.10
C GLY A 30 -5.01 6.87 4.18
N HIS A 31 -5.06 5.69 4.79
CA HIS A 31 -4.11 5.33 5.83
C HIS A 31 -2.68 5.65 5.41
N MET A 32 -2.30 5.18 4.23
CA MET A 32 -0.97 5.42 3.71
C MET A 32 -0.69 6.91 3.55
N CYS A 33 -1.63 7.61 2.91
CA CYS A 33 -1.50 9.05 2.70
C CYS A 33 -0.97 9.73 3.95
N TYR A 34 -1.60 9.42 5.09
CA TYR A 34 -1.20 10.03 6.35
C TYR A 34 0.01 9.32 6.94
N CYS A 35 -0.12 8.01 7.18
CA CYS A 35 0.97 7.21 7.73
C CYS A 35 2.25 7.44 6.95
N CYS A 36 2.27 6.99 5.71
CA CYS A 36 3.44 7.15 4.85
C CYS A 36 3.09 7.87 3.56
N PRO A 37 3.11 9.22 3.61
CA PRO A 37 2.80 10.06 2.46
C PRO A 37 3.86 9.98 1.38
N GLU A 38 4.91 9.21 1.63
CA GLU A 38 6.00 9.05 0.68
C GLU A 38 5.68 7.96 -0.34
N MET A 39 5.20 6.82 0.15
CA MET A 39 4.85 5.71 -0.72
C MET A 39 3.43 5.86 -1.26
N VAL A 40 3.11 7.06 -1.75
CA VAL A 40 1.78 7.32 -2.29
C VAL A 40 1.86 8.06 -3.62
N GLU A 41 2.62 9.15 -3.64
CA GLU A 41 2.78 9.94 -4.86
C GLU A 41 3.52 9.14 -5.92
N TYR A 42 2.82 8.83 -7.01
CA TYR A 42 3.41 8.08 -8.11
C TYR A 42 3.55 8.93 -9.36
N GLN A 43 4.78 9.37 -9.63
CA GLN A 43 5.05 10.21 -10.78
C GLN A 43 6.04 9.53 -11.73
N SER A 44 5.84 9.71 -13.02
CA SER A 44 6.71 9.10 -14.03
C SER A 44 8.00 9.90 -14.17
N GLY A 45 9.07 9.40 -13.56
CA GLY A 45 10.36 10.07 -13.62
C GLY A 45 11.52 9.10 -13.59
N PRO A 46 12.70 9.59 -13.20
CA PRO A 46 12.88 11.00 -12.82
C PRO A 46 12.76 11.94 -14.02
N SER A 47 12.11 13.08 -13.80
CA SER A 47 11.92 14.07 -14.86
C SER A 47 12.91 15.22 -14.70
N SER A 48 13.15 15.93 -15.80
CA SER A 48 14.06 17.07 -15.78
C SER A 48 13.36 18.36 -16.20
N GLY A 49 12.99 19.16 -15.21
CA GLY A 49 12.30 20.41 -15.49
C GLY A 49 11.70 21.03 -14.24
ZN ZN B . 1.12 2.48 7.80
N GLY A 1 4.95 -14.72 11.13
CA GLY A 1 5.50 -15.49 10.04
C GLY A 1 5.13 -16.96 10.11
N SER A 2 3.83 -17.24 10.19
CA SER A 2 3.35 -18.61 10.26
C SER A 2 2.97 -19.13 8.89
N SER A 3 2.13 -18.37 8.19
CA SER A 3 1.68 -18.76 6.86
C SER A 3 2.85 -18.79 5.87
N GLY A 4 2.80 -19.72 4.94
CA GLY A 4 3.85 -19.84 3.95
C GLY A 4 3.68 -18.88 2.80
N SER A 5 4.80 -18.52 2.16
CA SER A 5 4.76 -17.58 1.03
C SER A 5 6.02 -17.74 0.17
N SER A 6 6.03 -17.03 -0.95
CA SER A 6 7.17 -17.08 -1.87
C SER A 6 8.05 -15.85 -1.72
N GLY A 7 9.14 -16.00 -0.97
CA GLY A 7 10.05 -14.89 -0.75
C GLY A 7 9.33 -13.60 -0.40
N GLN A 8 9.88 -12.48 -0.86
CA GLN A 8 9.28 -11.18 -0.60
C GLN A 8 8.88 -10.49 -1.90
N ASP A 9 8.28 -11.26 -2.80
CA ASP A 9 7.85 -10.72 -4.09
C ASP A 9 6.36 -10.37 -4.06
N GLY A 10 6.06 -9.15 -3.62
CA GLY A 10 4.68 -8.71 -3.54
C GLY A 10 3.94 -9.32 -2.37
N GLY A 11 2.73 -9.81 -2.62
CA GLY A 11 1.94 -10.42 -1.57
C GLY A 11 0.75 -9.56 -1.17
N ARG A 12 0.10 -9.91 -0.06
CA ARG A 12 -1.05 -9.18 0.41
C ARG A 12 -0.68 -7.73 0.75
N LYS A 13 -1.49 -6.79 0.30
CA LYS A 13 -1.24 -5.38 0.56
C LYS A 13 -1.13 -5.11 2.05
N ILE A 14 0.00 -4.52 2.46
CA ILE A 14 0.24 -4.21 3.86
C ILE A 14 1.13 -2.98 4.01
N CYS A 15 0.64 -1.99 4.74
CA CYS A 15 1.39 -0.77 4.96
C CYS A 15 2.87 -1.06 5.20
N PRO A 16 3.72 -0.59 4.28
CA PRO A 16 5.18 -0.80 4.37
C PRO A 16 5.80 0.00 5.50
N ARG A 17 4.97 0.66 6.30
CA ARG A 17 5.44 1.45 7.42
C ARG A 17 5.08 0.79 8.75
N CYS A 18 3.81 0.48 8.93
CA CYS A 18 3.33 -0.16 10.14
C CYS A 18 2.74 -1.53 9.85
N ASN A 19 3.18 -2.14 8.76
CA ASN A 19 2.70 -3.45 8.36
C ASN A 19 1.23 -3.62 8.74
N ALA A 20 0.48 -2.53 8.66
CA ALA A 20 -0.94 -2.56 8.99
C ALA A 20 -1.67 -3.62 8.18
N GLN A 21 -2.70 -4.22 8.78
CA GLN A 21 -3.48 -5.26 8.11
C GLN A 21 -4.78 -4.69 7.57
N PHE A 22 -4.90 -4.67 6.25
CA PHE A 22 -6.11 -4.16 5.59
C PHE A 22 -6.65 -5.17 4.59
N ARG A 23 -7.90 -4.95 4.18
CA ARG A 23 -8.54 -5.85 3.22
C ARG A 23 -8.88 -5.11 1.93
N VAL A 24 -9.40 -3.89 2.07
CA VAL A 24 -9.77 -3.08 0.91
C VAL A 24 -8.60 -2.20 0.48
N THR A 25 -8.76 -1.56 -0.68
CA THR A 25 -7.73 -0.68 -1.22
C THR A 25 -7.92 0.75 -0.72
N GLU A 26 -9.17 1.19 -0.65
CA GLU A 26 -9.49 2.54 -0.21
C GLU A 26 -8.82 2.84 1.14
N ALA A 27 -8.96 1.92 2.07
CA ALA A 27 -8.38 2.07 3.40
C ALA A 27 -6.89 2.39 3.31
N LEU A 28 -6.15 1.54 2.60
CA LEU A 28 -4.71 1.72 2.44
C LEU A 28 -4.41 3.07 1.80
N ARG A 29 -5.15 3.41 0.75
CA ARG A 29 -4.97 4.67 0.05
C ARG A 29 -4.87 5.83 1.04
N GLY A 30 -5.89 5.99 1.87
CA GLY A 30 -5.90 7.06 2.85
C GLY A 30 -4.94 6.80 4.00
N HIS A 31 -5.13 5.68 4.68
CA HIS A 31 -4.29 5.31 5.80
C HIS A 31 -2.81 5.58 5.48
N MET A 32 -2.36 5.08 4.35
CA MET A 32 -0.97 5.26 3.93
C MET A 32 -0.68 6.74 3.67
N CYS A 33 -1.56 7.38 2.91
CA CYS A 33 -1.39 8.80 2.58
C CYS A 33 -0.92 9.58 3.80
N TYR A 34 -1.51 9.30 4.96
CA TYR A 34 -1.16 9.98 6.19
C TYR A 34 -0.01 9.26 6.90
N CYS A 35 -0.18 7.97 7.12
CA CYS A 35 0.84 7.17 7.80
C CYS A 35 2.19 7.34 7.12
N CYS A 36 2.28 6.89 5.87
CA CYS A 36 3.52 6.99 5.12
C CYS A 36 3.28 7.66 3.76
N PRO A 37 3.29 9.00 3.76
CA PRO A 37 3.06 9.79 2.54
C PRO A 37 4.23 9.69 1.58
N GLU A 38 5.25 8.91 1.95
CA GLU A 38 6.42 8.74 1.11
C GLU A 38 6.09 7.91 -0.13
N MET A 39 5.28 6.87 0.06
CA MET A 39 4.89 5.99 -1.03
C MET A 39 3.38 6.02 -1.24
N VAL A 40 2.88 7.09 -1.84
CA VAL A 40 1.45 7.25 -2.09
C VAL A 40 1.15 7.25 -3.58
N GLU A 41 0.83 6.07 -4.12
CA GLU A 41 0.52 5.95 -5.54
C GLU A 41 -0.36 7.10 -6.01
N TYR A 42 0.24 8.04 -6.72
CA TYR A 42 -0.49 9.20 -7.23
C TYR A 42 -1.43 8.79 -8.37
N GLN A 43 -2.37 9.67 -8.69
CA GLN A 43 -3.34 9.40 -9.74
C GLN A 43 -2.64 9.23 -11.09
N SER A 44 -3.08 8.24 -11.85
CA SER A 44 -2.49 7.97 -13.16
C SER A 44 -3.20 8.76 -14.26
N GLY A 45 -4.50 8.55 -14.38
CA GLY A 45 -5.29 9.25 -15.38
C GLY A 45 -6.65 8.63 -15.59
N PRO A 46 -7.27 8.96 -16.74
CA PRO A 46 -6.69 9.86 -17.73
C PRO A 46 -6.63 11.30 -17.24
N SER A 47 -5.41 11.76 -16.95
CA SER A 47 -5.22 13.13 -16.47
C SER A 47 -5.71 14.15 -17.48
N SER A 48 -6.88 14.72 -17.23
CA SER A 48 -7.46 15.71 -18.13
C SER A 48 -8.07 16.87 -17.35
N GLY A 49 -8.46 17.92 -18.07
CA GLY A 49 -9.04 19.09 -17.42
C GLY A 49 -9.92 18.72 -16.24
ZN ZN B . 0.70 2.49 8.25
N GLY A 1 12.81 12.08 -0.39
CA GLY A 1 13.22 10.79 0.13
C GLY A 1 14.36 10.18 -0.65
N SER A 2 15.06 9.22 -0.04
CA SER A 2 16.18 8.57 -0.70
C SER A 2 15.90 7.08 -0.91
N SER A 3 15.58 6.39 0.19
CA SER A 3 15.29 4.97 0.12
C SER A 3 13.98 4.71 -0.61
N GLY A 4 13.82 3.49 -1.13
CA GLY A 4 12.61 3.15 -1.85
C GLY A 4 12.84 2.07 -2.89
N SER A 5 12.53 0.82 -2.54
CA SER A 5 12.72 -0.29 -3.45
C SER A 5 11.65 -1.36 -3.22
N SER A 6 11.34 -2.12 -4.28
CA SER A 6 10.34 -3.17 -4.19
C SER A 6 10.99 -4.54 -4.06
N GLY A 7 10.18 -5.56 -3.79
CA GLY A 7 10.70 -6.90 -3.64
C GLY A 7 9.75 -7.96 -4.20
N GLN A 8 8.60 -8.10 -3.56
CA GLN A 8 7.60 -9.08 -4.00
C GLN A 8 6.66 -8.47 -5.03
N ASP A 9 6.46 -9.18 -6.13
CA ASP A 9 5.58 -8.71 -7.20
C ASP A 9 4.17 -8.47 -6.67
N GLY A 10 3.59 -9.49 -6.05
CA GLY A 10 2.26 -9.37 -5.51
C GLY A 10 1.99 -10.32 -4.36
N GLY A 11 0.72 -10.66 -4.15
CA GLY A 11 0.37 -11.57 -3.07
C GLY A 11 -0.60 -10.96 -2.09
N ARG A 12 -0.07 -10.33 -1.05
CA ARG A 12 -0.90 -9.69 -0.03
C ARG A 12 -0.62 -8.20 0.05
N LYS A 13 -1.39 -7.50 0.89
CA LYS A 13 -1.22 -6.06 1.06
C LYS A 13 -0.94 -5.72 2.52
N ILE A 14 0.21 -5.11 2.77
CA ILE A 14 0.60 -4.73 4.12
C ILE A 14 1.51 -3.50 4.10
N CYS A 15 0.99 -2.38 4.59
CA CYS A 15 1.76 -1.14 4.64
C CYS A 15 3.24 -1.43 4.92
N PRO A 16 4.11 -1.02 3.98
CA PRO A 16 5.55 -1.23 4.11
C PRO A 16 6.17 -0.35 5.18
N ARG A 17 5.32 0.37 5.92
CA ARG A 17 5.78 1.25 6.98
C ARG A 17 5.33 0.73 8.35
N CYS A 18 4.02 0.72 8.58
CA CYS A 18 3.46 0.25 9.84
C CYS A 18 3.19 -1.25 9.78
N ASN A 19 3.02 -1.77 8.58
CA ASN A 19 2.74 -3.19 8.38
C ASN A 19 1.45 -3.59 9.08
N ALA A 20 0.36 -2.89 8.76
CA ALA A 20 -0.94 -3.18 9.36
C ALA A 20 -1.76 -4.10 8.47
N GLN A 21 -2.96 -4.43 8.93
CA GLN A 21 -3.85 -5.31 8.17
C GLN A 21 -5.02 -4.52 7.60
N PHE A 22 -5.28 -4.71 6.30
CA PHE A 22 -6.37 -4.03 5.63
C PHE A 22 -7.10 -4.96 4.67
N ARG A 23 -8.37 -4.70 4.44
CA ARG A 23 -9.18 -5.51 3.55
C ARG A 23 -9.42 -4.81 2.22
N VAL A 24 -9.98 -3.60 2.28
CA VAL A 24 -10.26 -2.83 1.09
C VAL A 24 -9.09 -1.92 0.74
N THR A 25 -8.72 -1.89 -0.55
CA THR A 25 -7.62 -1.06 -1.00
C THR A 25 -7.80 0.39 -0.57
N GLU A 26 -8.97 0.94 -0.81
CA GLU A 26 -9.27 2.32 -0.45
C GLU A 26 -8.58 2.69 0.87
N ALA A 27 -8.68 1.80 1.85
CA ALA A 27 -8.07 2.03 3.15
C ALA A 27 -6.58 2.36 3.01
N LEU A 28 -5.84 1.46 2.38
CA LEU A 28 -4.42 1.65 2.18
C LEU A 28 -4.13 3.02 1.57
N ARG A 29 -4.91 3.39 0.56
CA ARG A 29 -4.74 4.68 -0.10
C ARG A 29 -4.71 5.81 0.92
N GLY A 30 -5.81 5.99 1.64
CA GLY A 30 -5.89 7.05 2.63
C GLY A 30 -4.97 6.80 3.80
N HIS A 31 -5.14 5.66 4.46
CA HIS A 31 -4.32 5.30 5.61
C HIS A 31 -2.84 5.59 5.33
N MET A 32 -2.40 5.28 4.12
CA MET A 32 -1.02 5.51 3.73
C MET A 32 -0.74 7.00 3.58
N CYS A 33 -1.65 7.71 2.91
CA CYS A 33 -1.50 9.14 2.69
C CYS A 33 -1.14 9.86 3.99
N TYR A 34 -1.77 9.43 5.09
CA TYR A 34 -1.52 10.03 6.39
C TYR A 34 -0.39 9.31 7.11
N CYS A 35 -0.50 7.99 7.22
CA CYS A 35 0.51 7.19 7.89
C CYS A 35 1.91 7.49 7.34
N CYS A 36 2.14 7.09 6.09
CA CYS A 36 3.43 7.33 5.45
C CYS A 36 3.25 8.09 4.14
N PRO A 37 3.15 9.42 4.24
CA PRO A 37 2.97 10.29 3.07
C PRO A 37 4.23 10.35 2.21
N GLU A 38 5.26 9.63 2.62
CA GLU A 38 6.52 9.60 1.87
C GLU A 38 6.41 8.70 0.65
N MET A 39 5.64 7.63 0.78
CA MET A 39 5.45 6.69 -0.32
C MET A 39 3.98 6.63 -0.74
N VAL A 40 3.51 7.70 -1.36
CA VAL A 40 2.12 7.77 -1.81
C VAL A 40 2.00 8.61 -3.08
N GLU A 41 1.74 7.95 -4.20
CA GLU A 41 1.60 8.63 -5.48
C GLU A 41 0.33 8.19 -6.19
N TYR A 42 -0.79 8.80 -5.83
CA TYR A 42 -2.07 8.46 -6.44
C TYR A 42 -3.02 9.66 -6.39
N GLN A 43 -3.77 9.86 -7.47
CA GLN A 43 -4.71 10.96 -7.56
C GLN A 43 -5.96 10.68 -6.71
N SER A 44 -6.30 11.62 -5.84
CA SER A 44 -7.46 11.48 -4.97
C SER A 44 -8.75 11.69 -5.75
N GLY A 45 -9.28 10.61 -6.33
CA GLY A 45 -10.51 10.70 -7.09
C GLY A 45 -11.71 10.23 -6.31
N PRO A 46 -12.92 10.46 -6.87
CA PRO A 46 -13.07 11.13 -8.16
C PRO A 46 -12.71 12.60 -8.10
N SER A 47 -11.93 13.05 -9.08
CA SER A 47 -11.51 14.45 -9.13
C SER A 47 -12.66 15.35 -9.59
N SER A 48 -13.36 15.94 -8.63
CA SER A 48 -14.48 16.83 -8.92
C SER A 48 -14.52 18.00 -7.96
N GLY A 49 -14.91 19.17 -8.47
CA GLY A 49 -14.98 20.35 -7.64
C GLY A 49 -16.37 20.57 -7.07
ZN ZN B . 0.81 2.52 7.45
N GLY A 1 1.40 -5.82 -19.08
CA GLY A 1 2.17 -7.04 -18.89
C GLY A 1 2.08 -7.55 -17.47
N SER A 2 1.76 -8.84 -17.32
CA SER A 2 1.63 -9.45 -16.00
C SER A 2 2.98 -9.95 -15.50
N SER A 3 3.77 -9.05 -14.92
CA SER A 3 5.09 -9.39 -14.41
C SER A 3 5.11 -9.30 -12.89
N GLY A 4 4.63 -10.36 -12.23
CA GLY A 4 4.61 -10.38 -10.79
C GLY A 4 4.14 -11.72 -10.24
N SER A 5 3.10 -12.28 -10.85
CA SER A 5 2.56 -13.55 -10.41
C SER A 5 3.66 -14.50 -9.97
N SER A 6 4.71 -14.62 -10.79
CA SER A 6 5.83 -15.49 -10.48
C SER A 6 6.89 -14.74 -9.66
N GLY A 7 6.95 -15.04 -8.37
CA GLY A 7 7.92 -14.40 -7.51
C GLY A 7 7.64 -14.65 -6.04
N GLN A 8 6.48 -14.21 -5.57
CA GLN A 8 6.10 -14.38 -4.18
C GLN A 8 4.79 -15.17 -4.06
N ASP A 9 4.78 -16.16 -3.18
CA ASP A 9 3.60 -16.99 -2.97
C ASP A 9 2.63 -16.32 -2.02
N GLY A 10 1.80 -15.42 -2.56
CA GLY A 10 0.82 -14.72 -1.73
C GLY A 10 0.03 -13.71 -2.53
N GLY A 11 0.51 -12.46 -2.55
CA GLY A 11 -0.19 -11.42 -3.28
C GLY A 11 -1.09 -10.59 -2.39
N ARG A 12 -0.51 -10.03 -1.32
CA ARG A 12 -1.26 -9.22 -0.38
C ARG A 12 -0.74 -7.78 -0.37
N LYS A 13 -1.52 -6.87 0.21
CA LYS A 13 -1.14 -5.46 0.29
C LYS A 13 -1.06 -5.01 1.74
N ILE A 14 0.16 -4.80 2.23
CA ILE A 14 0.38 -4.35 3.60
C ILE A 14 1.33 -3.16 3.65
N CYS A 15 1.02 -2.21 4.51
CA CYS A 15 1.85 -1.01 4.66
C CYS A 15 3.27 -1.39 5.05
N PRO A 16 4.23 -1.08 4.17
CA PRO A 16 5.65 -1.36 4.41
C PRO A 16 6.25 -0.50 5.52
N ARG A 17 5.41 0.34 6.12
CA ARG A 17 5.85 1.22 7.19
C ARG A 17 5.34 0.74 8.55
N CYS A 18 4.03 0.80 8.74
CA CYS A 18 3.42 0.37 9.98
C CYS A 18 3.17 -1.14 9.97
N ASN A 19 2.93 -1.69 8.79
CA ASN A 19 2.67 -3.12 8.64
C ASN A 19 1.32 -3.49 9.24
N ALA A 20 0.29 -2.73 8.90
CA ALA A 20 -1.05 -2.98 9.41
C ALA A 20 -1.84 -3.86 8.44
N GLN A 21 -2.93 -4.44 8.92
CA GLN A 21 -3.77 -5.31 8.11
C GLN A 21 -4.89 -4.51 7.45
N PHE A 22 -5.14 -4.78 6.17
CA PHE A 22 -6.19 -4.08 5.43
C PHE A 22 -6.90 -5.04 4.48
N ARG A 23 -8.19 -4.79 4.26
CA ARG A 23 -8.98 -5.63 3.37
C ARG A 23 -9.26 -4.91 2.06
N VAL A 24 -9.75 -3.68 2.14
CA VAL A 24 -10.06 -2.89 0.96
C VAL A 24 -8.87 -2.01 0.57
N THR A 25 -8.75 -1.74 -0.72
CA THR A 25 -7.67 -0.91 -1.23
C THR A 25 -7.83 0.54 -0.79
N GLU A 26 -9.08 0.98 -0.67
CA GLU A 26 -9.36 2.34 -0.25
C GLU A 26 -8.65 2.68 1.05
N ALA A 27 -8.81 1.80 2.05
CA ALA A 27 -8.19 2.00 3.35
C ALA A 27 -6.71 2.39 3.20
N LEU A 28 -5.96 1.54 2.52
CA LEU A 28 -4.54 1.78 2.30
C LEU A 28 -4.31 3.17 1.71
N ARG A 29 -5.03 3.46 0.63
CA ARG A 29 -4.91 4.76 -0.04
C ARG A 29 -4.85 5.89 0.97
N GLY A 30 -5.90 6.00 1.79
CA GLY A 30 -5.94 7.05 2.79
C GLY A 30 -4.98 6.80 3.95
N HIS A 31 -5.24 5.73 4.69
CA HIS A 31 -4.40 5.37 5.83
C HIS A 31 -2.92 5.65 5.52
N MET A 32 -2.46 5.13 4.40
CA MET A 32 -1.07 5.32 3.99
C MET A 32 -0.78 6.79 3.72
N CYS A 33 -1.68 7.45 3.01
CA CYS A 33 -1.53 8.87 2.68
C CYS A 33 -1.04 9.66 3.89
N TYR A 34 -1.67 9.41 5.04
CA TYR A 34 -1.31 10.10 6.27
C TYR A 34 -0.18 9.37 6.99
N CYS A 35 -0.36 8.06 7.18
CA CYS A 35 0.65 7.24 7.85
C CYS A 35 2.02 7.43 7.21
N CYS A 36 2.13 7.01 5.95
CA CYS A 36 3.39 7.12 5.21
C CYS A 36 3.17 7.81 3.86
N PRO A 37 3.14 9.15 3.89
CA PRO A 37 2.94 9.95 2.68
C PRO A 37 4.14 9.90 1.74
N GLU A 38 5.33 10.15 2.28
CA GLU A 38 6.56 10.12 1.49
C GLU A 38 6.65 8.83 0.68
N MET A 39 6.49 7.70 1.36
CA MET A 39 6.56 6.40 0.70
C MET A 39 5.71 6.39 -0.57
N VAL A 40 4.46 6.83 -0.44
CA VAL A 40 3.54 6.87 -1.58
C VAL A 40 4.29 7.19 -2.87
N GLU A 41 4.24 6.28 -3.83
CA GLU A 41 4.91 6.47 -5.11
C GLU A 41 4.58 7.83 -5.68
N TYR A 42 5.25 8.18 -6.78
CA TYR A 42 5.03 9.48 -7.43
C TYR A 42 3.53 9.80 -7.51
N GLN A 43 3.17 10.96 -6.99
CA GLN A 43 1.78 11.39 -7.01
C GLN A 43 1.24 11.45 -8.44
N SER A 44 -0.09 11.40 -8.57
CA SER A 44 -0.73 11.44 -9.88
C SER A 44 -1.33 12.81 -10.15
N GLY A 45 -0.51 13.71 -10.70
CA GLY A 45 -0.98 15.05 -11.01
C GLY A 45 -2.03 15.07 -12.11
N PRO A 46 -2.68 16.22 -12.29
CA PRO A 46 -2.42 17.42 -11.48
C PRO A 46 -2.89 17.27 -10.04
N SER A 47 -2.58 18.26 -9.22
CA SER A 47 -2.98 18.22 -7.81
C SER A 47 -4.27 19.01 -7.59
N SER A 48 -5.25 18.37 -6.98
CA SER A 48 -6.54 19.00 -6.71
C SER A 48 -6.56 19.63 -5.33
N GLY A 49 -5.45 20.28 -4.96
CA GLY A 49 -5.36 20.91 -3.66
C GLY A 49 -4.00 20.75 -3.03
ZN ZN B . 0.78 2.59 7.51
N GLY A 1 5.59 -20.75 -16.37
CA GLY A 1 6.15 -19.44 -16.65
C GLY A 1 5.43 -18.33 -15.90
N SER A 2 4.87 -17.38 -16.65
CA SER A 2 4.15 -16.26 -16.05
C SER A 2 2.69 -16.62 -15.81
N SER A 3 2.39 -17.06 -14.58
CA SER A 3 1.04 -17.44 -14.21
C SER A 3 0.59 -16.73 -12.94
N GLY A 4 0.92 -15.44 -12.84
CA GLY A 4 0.55 -14.67 -11.67
C GLY A 4 -0.81 -15.04 -11.13
N SER A 5 -0.84 -15.98 -10.19
CA SER A 5 -2.09 -16.42 -9.58
C SER A 5 -1.92 -16.66 -8.09
N SER A 6 -3.01 -16.50 -7.34
CA SER A 6 -3.00 -16.70 -5.90
C SER A 6 -3.03 -18.18 -5.55
N GLY A 7 -2.36 -18.54 -4.44
CA GLY A 7 -2.33 -19.92 -4.02
C GLY A 7 -2.71 -20.09 -2.56
N GLN A 8 -1.72 -20.02 -1.68
CA GLN A 8 -1.96 -20.16 -0.25
C GLN A 8 -2.36 -18.83 0.37
N ASP A 9 -1.47 -17.84 0.29
CA ASP A 9 -1.74 -16.53 0.85
C ASP A 9 -2.21 -15.57 -0.25
N GLY A 10 -1.47 -15.50 -1.34
CA GLY A 10 -1.83 -14.63 -2.43
C GLY A 10 -1.40 -13.19 -2.19
N GLY A 11 -1.51 -12.36 -3.21
CA GLY A 11 -1.13 -10.96 -3.09
C GLY A 11 -1.81 -10.27 -1.91
N ARG A 12 -1.08 -10.11 -0.83
CA ARG A 12 -1.61 -9.48 0.37
C ARG A 12 -1.04 -8.07 0.54
N LYS A 13 -1.92 -7.08 0.57
CA LYS A 13 -1.50 -5.69 0.73
C LYS A 13 -1.37 -5.33 2.22
N ILE A 14 -0.21 -4.81 2.60
CA ILE A 14 0.04 -4.43 3.98
C ILE A 14 1.00 -3.25 4.06
N CYS A 15 0.56 -2.17 4.69
CA CYS A 15 1.37 -0.97 4.84
C CYS A 15 2.82 -1.34 5.14
N PRO A 16 3.73 -1.02 4.20
CA PRO A 16 5.16 -1.32 4.34
C PRO A 16 5.82 -0.45 5.41
N ARG A 17 5.01 0.34 6.11
CA ARG A 17 5.52 1.21 7.15
C ARG A 17 5.16 0.68 8.54
N CYS A 18 3.87 0.44 8.75
CA CYS A 18 3.39 -0.08 10.02
C CYS A 18 2.83 -1.48 9.87
N ASN A 19 3.14 -2.12 8.75
CA ASN A 19 2.67 -3.48 8.47
C ASN A 19 1.18 -3.60 8.77
N ALA A 20 0.47 -2.48 8.70
CA ALA A 20 -0.96 -2.47 8.96
C ALA A 20 -1.68 -3.52 8.13
N GLN A 21 -2.61 -4.24 8.76
CA GLN A 21 -3.37 -5.28 8.09
C GLN A 21 -4.69 -4.75 7.56
N PHE A 22 -4.74 -4.46 6.27
CA PHE A 22 -5.95 -3.93 5.64
C PHE A 22 -6.56 -4.96 4.69
N ARG A 23 -7.82 -4.74 4.33
CA ARG A 23 -8.51 -5.64 3.43
C ARG A 23 -8.95 -4.92 2.16
N VAL A 24 -9.43 -3.69 2.32
CA VAL A 24 -9.89 -2.89 1.19
C VAL A 24 -8.80 -1.94 0.71
N THR A 25 -8.70 -1.77 -0.60
CA THR A 25 -7.70 -0.88 -1.18
C THR A 25 -7.86 0.55 -0.67
N GLU A 26 -9.04 1.13 -0.91
CA GLU A 26 -9.33 2.49 -0.47
C GLU A 26 -8.66 2.78 0.87
N ALA A 27 -8.92 1.93 1.85
CA ALA A 27 -8.35 2.09 3.18
C ALA A 27 -6.86 2.37 3.10
N LEU A 28 -6.12 1.45 2.47
CA LEU A 28 -4.68 1.59 2.33
C LEU A 28 -4.32 2.94 1.75
N ARG A 29 -4.97 3.31 0.65
CA ARG A 29 -4.72 4.59 -0.01
C ARG A 29 -4.65 5.71 1.02
N GLY A 30 -5.73 5.88 1.78
CA GLY A 30 -5.77 6.94 2.78
C GLY A 30 -4.80 6.68 3.92
N HIS A 31 -5.09 5.65 4.71
CA HIS A 31 -4.23 5.31 5.85
C HIS A 31 -2.76 5.51 5.50
N MET A 32 -2.39 5.15 4.28
CA MET A 32 -1.02 5.28 3.82
C MET A 32 -0.66 6.75 3.58
N CYS A 33 -1.61 7.50 3.03
CA CYS A 33 -1.39 8.92 2.76
C CYS A 33 -1.01 9.67 4.03
N TYR A 34 -1.73 9.38 5.11
CA TYR A 34 -1.47 10.03 6.39
C TYR A 34 -0.33 9.34 7.13
N CYS A 35 -0.33 8.01 7.09
CA CYS A 35 0.70 7.23 7.76
C CYS A 35 2.07 7.48 7.12
N CYS A 36 2.21 7.12 5.85
CA CYS A 36 3.45 7.31 5.13
C CYS A 36 3.23 8.05 3.83
N PRO A 37 3.14 9.39 3.91
CA PRO A 37 2.92 10.25 2.75
C PRO A 37 4.14 10.29 1.82
N GLU A 38 5.32 10.14 2.39
CA GLU A 38 6.55 10.15 1.62
C GLU A 38 6.38 9.39 0.30
N MET A 39 5.97 8.14 0.41
CA MET A 39 5.76 7.30 -0.77
C MET A 39 4.47 7.69 -1.49
N VAL A 40 3.37 7.69 -0.76
CA VAL A 40 2.07 8.04 -1.33
C VAL A 40 2.14 9.34 -2.11
N GLU A 41 2.06 9.23 -3.44
CA GLU A 41 2.12 10.40 -4.30
C GLU A 41 0.90 11.29 -4.11
N TYR A 42 1.07 12.58 -4.36
CA TYR A 42 -0.01 13.54 -4.19
C TYR A 42 -0.43 14.13 -5.54
N GLN A 43 -1.62 14.71 -5.59
CA GLN A 43 -2.14 15.30 -6.81
C GLN A 43 -2.38 16.80 -6.64
N SER A 44 -1.43 17.61 -7.09
CA SER A 44 -1.53 19.06 -6.98
C SER A 44 -2.94 19.52 -7.34
N GLY A 45 -3.44 19.06 -8.48
CA GLY A 45 -4.77 19.45 -8.91
C GLY A 45 -5.86 18.85 -8.04
N PRO A 46 -7.09 19.34 -8.21
CA PRO A 46 -7.41 20.39 -9.19
C PRO A 46 -6.83 21.74 -8.80
N SER A 47 -6.04 22.33 -9.69
CA SER A 47 -5.42 23.62 -9.44
C SER A 47 -5.72 24.60 -10.57
N SER A 48 -5.32 25.86 -10.39
CA SER A 48 -5.55 26.89 -11.38
C SER A 48 -4.59 28.06 -11.19
N GLY A 49 -4.22 28.71 -12.29
CA GLY A 49 -3.32 29.83 -12.22
C GLY A 49 -3.64 30.78 -11.07
ZN ZN B . 0.83 2.53 7.89
N GLY A 1 16.19 -30.69 -8.28
CA GLY A 1 16.98 -30.13 -7.21
C GLY A 1 17.71 -28.86 -7.62
N SER A 2 16.96 -27.77 -7.78
CA SER A 2 17.54 -26.50 -8.18
C SER A 2 16.67 -25.34 -7.71
N SER A 3 17.29 -24.18 -7.52
CA SER A 3 16.57 -22.99 -7.07
C SER A 3 16.80 -21.82 -8.04
N GLY A 4 15.83 -20.92 -8.08
CA GLY A 4 15.94 -19.77 -8.97
C GLY A 4 15.21 -18.55 -8.43
N SER A 5 14.96 -17.58 -9.29
CA SER A 5 14.27 -16.36 -8.89
C SER A 5 12.75 -16.57 -8.83
N SER A 6 12.29 -17.17 -7.75
CA SER A 6 10.86 -17.44 -7.58
C SER A 6 10.15 -16.22 -6.99
N GLY A 7 10.66 -15.72 -5.88
CA GLY A 7 10.06 -14.57 -5.24
C GLY A 7 8.69 -14.87 -4.66
N GLN A 8 8.22 -13.99 -3.78
CA GLN A 8 6.90 -14.17 -3.17
C GLN A 8 5.90 -13.17 -3.71
N ASP A 9 5.30 -13.49 -4.85
CA ASP A 9 4.32 -12.62 -5.48
C ASP A 9 2.92 -12.93 -4.98
N GLY A 10 2.03 -11.93 -5.05
CA GLY A 10 0.67 -12.12 -4.59
C GLY A 10 0.58 -12.42 -3.11
N GLY A 11 -0.58 -12.15 -2.52
CA GLY A 11 -0.75 -12.41 -1.10
C GLY A 11 -1.74 -11.44 -0.47
N ARG A 12 -1.21 -10.40 0.18
CA ARG A 12 -2.04 -9.40 0.84
C ARG A 12 -1.31 -8.07 0.93
N LYS A 13 -2.06 -6.98 0.75
CA LYS A 13 -1.49 -5.64 0.80
C LYS A 13 -1.22 -5.23 2.25
N ILE A 14 0.04 -4.93 2.56
CA ILE A 14 0.43 -4.52 3.90
C ILE A 14 1.36 -3.31 3.85
N CYS A 15 1.00 -2.27 4.60
CA CYS A 15 1.80 -1.05 4.65
C CYS A 15 3.25 -1.37 5.04
N PRO A 16 4.20 -1.03 4.16
CA PRO A 16 5.62 -1.27 4.39
C PRO A 16 6.19 -0.38 5.49
N ARG A 17 5.32 0.43 6.10
CA ARG A 17 5.73 1.32 7.17
C ARG A 17 5.31 0.78 8.53
N CYS A 18 4.01 0.67 8.75
CA CYS A 18 3.48 0.16 10.01
C CYS A 18 3.20 -1.33 9.92
N ASN A 19 2.88 -1.80 8.71
CA ASN A 19 2.60 -3.20 8.49
C ASN A 19 1.27 -3.59 9.15
N ALA A 20 0.22 -2.83 8.86
CA ALA A 20 -1.10 -3.09 9.42
C ALA A 20 -1.84 -4.13 8.59
N GLN A 21 -3.05 -4.46 9.02
CA GLN A 21 -3.87 -5.45 8.31
C GLN A 21 -5.10 -4.80 7.70
N PHE A 22 -5.14 -4.75 6.37
CA PHE A 22 -6.26 -4.15 5.66
C PHE A 22 -6.90 -5.16 4.70
N ARG A 23 -8.05 -4.80 4.15
CA ARG A 23 -8.76 -5.67 3.22
C ARG A 23 -8.94 -4.97 1.88
N VAL A 24 -9.55 -3.80 1.89
CA VAL A 24 -9.78 -3.03 0.67
C VAL A 24 -8.63 -2.10 0.36
N THR A 25 -8.57 -1.60 -0.87
CA THR A 25 -7.51 -0.70 -1.28
C THR A 25 -7.73 0.70 -0.72
N GLU A 26 -8.98 1.14 -0.71
CA GLU A 26 -9.33 2.47 -0.20
C GLU A 26 -8.67 2.71 1.15
N ALA A 27 -8.97 1.85 2.12
CA ALA A 27 -8.40 1.97 3.45
C ALA A 27 -6.91 2.29 3.40
N LEU A 28 -6.19 1.58 2.53
CA LEU A 28 -4.76 1.80 2.39
C LEU A 28 -4.47 3.16 1.76
N ARG A 29 -5.21 3.50 0.70
CA ARG A 29 -5.03 4.77 0.02
C ARG A 29 -4.91 5.92 1.03
N GLY A 30 -5.95 6.09 1.85
CA GLY A 30 -5.96 7.14 2.84
C GLY A 30 -4.95 6.89 3.96
N HIS A 31 -5.14 5.79 4.68
CA HIS A 31 -4.24 5.43 5.78
C HIS A 31 -2.79 5.73 5.41
N MET A 32 -2.34 5.20 4.28
CA MET A 32 -0.98 5.41 3.83
C MET A 32 -0.70 6.89 3.61
N CYS A 33 -1.63 7.58 2.94
CA CYS A 33 -1.48 8.99 2.67
C CYS A 33 -1.00 9.74 3.90
N TYR A 34 -1.60 9.44 5.05
CA TYR A 34 -1.24 10.08 6.30
C TYR A 34 -0.06 9.36 6.96
N CYS A 35 -0.24 8.07 7.24
CA CYS A 35 0.81 7.26 7.85
C CYS A 35 2.12 7.42 7.11
N CYS A 36 2.13 7.05 5.84
CA CYS A 36 3.33 7.15 5.02
C CYS A 36 3.05 7.88 3.72
N PRO A 37 3.08 9.23 3.78
CA PRO A 37 2.82 10.07 2.61
C PRO A 37 3.95 9.99 1.58
N GLU A 38 4.94 9.16 1.85
CA GLU A 38 6.07 8.99 0.94
C GLU A 38 5.74 7.99 -0.15
N MET A 39 5.35 6.79 0.24
CA MET A 39 5.01 5.74 -0.71
C MET A 39 3.60 5.94 -1.25
N VAL A 40 3.26 7.18 -1.59
CA VAL A 40 1.94 7.51 -2.12
C VAL A 40 2.05 8.42 -3.34
N GLU A 41 2.30 7.82 -4.49
CA GLU A 41 2.42 8.58 -5.73
C GLU A 41 1.48 8.03 -6.80
N TYR A 42 1.42 6.71 -6.90
CA TYR A 42 0.56 6.07 -7.88
C TYR A 42 -0.59 5.32 -7.20
N GLN A 43 -1.81 5.56 -7.68
CA GLN A 43 -2.99 4.91 -7.12
C GLN A 43 -3.05 3.45 -7.51
N SER A 44 -3.07 2.57 -6.52
CA SER A 44 -3.12 1.13 -6.76
C SER A 44 -4.33 0.78 -7.63
N GLY A 45 -5.52 1.11 -7.15
CA GLY A 45 -6.73 0.82 -7.89
C GLY A 45 -6.70 -0.56 -8.53
N PRO A 46 -7.55 -0.76 -9.54
CA PRO A 46 -8.48 0.27 -10.03
C PRO A 46 -9.58 0.58 -9.02
N SER A 47 -10.14 1.78 -9.11
CA SER A 47 -11.21 2.19 -8.21
C SER A 47 -12.55 2.27 -8.94
N SER A 48 -13.62 1.89 -8.26
CA SER A 48 -14.95 1.92 -8.84
C SER A 48 -15.34 3.33 -9.25
N GLY A 49 -15.07 4.29 -8.37
CA GLY A 49 -15.40 5.67 -8.66
C GLY A 49 -15.95 6.40 -7.44
ZN ZN B . 0.97 2.56 7.55
N GLY A 1 11.43 -26.17 4.54
CA GLY A 1 10.58 -25.05 4.84
C GLY A 1 9.22 -25.14 4.18
N SER A 2 9.03 -24.37 3.12
CA SER A 2 7.76 -24.37 2.38
C SER A 2 7.40 -25.78 1.94
N SER A 3 6.25 -26.27 2.40
CA SER A 3 5.79 -27.60 2.06
C SER A 3 4.39 -27.55 1.44
N GLY A 4 4.35 -27.43 0.12
CA GLY A 4 3.07 -27.36 -0.57
C GLY A 4 3.23 -27.02 -2.05
N SER A 5 2.22 -27.35 -2.84
CA SER A 5 2.24 -27.09 -4.27
C SER A 5 1.17 -26.08 -4.66
N SER A 6 1.02 -25.04 -3.83
CA SER A 6 0.02 -24.00 -4.09
C SER A 6 0.18 -23.42 -5.48
N GLY A 7 -0.83 -22.70 -5.94
CA GLY A 7 -0.78 -22.09 -7.26
C GLY A 7 0.11 -20.86 -7.31
N GLN A 8 -0.22 -19.87 -6.48
CA GLN A 8 0.56 -18.64 -6.44
C GLN A 8 0.80 -18.20 -4.99
N ASP A 9 1.77 -17.31 -4.80
CA ASP A 9 2.10 -16.82 -3.47
C ASP A 9 1.98 -15.31 -3.41
N GLY A 10 2.02 -14.76 -2.19
CA GLY A 10 1.90 -13.32 -2.02
C GLY A 10 0.54 -12.79 -2.45
N GLY A 11 -0.44 -12.89 -1.55
CA GLY A 11 -1.77 -12.41 -1.86
C GLY A 11 -2.37 -11.59 -0.74
N ARG A 12 -1.58 -10.67 -0.19
CA ARG A 12 -2.04 -9.82 0.91
C ARG A 12 -1.35 -8.46 0.86
N LYS A 13 -2.14 -7.41 1.03
CA LYS A 13 -1.61 -6.05 1.02
C LYS A 13 -1.45 -5.51 2.44
N ILE A 14 -0.22 -5.14 2.78
CA ILE A 14 0.06 -4.59 4.11
C ILE A 14 0.98 -3.38 4.02
N CYS A 15 0.68 -2.37 4.82
CA CYS A 15 1.49 -1.15 4.84
C CYS A 15 2.96 -1.47 5.14
N PRO A 16 3.83 -1.14 4.19
CA PRO A 16 5.28 -1.38 4.32
C PRO A 16 5.92 -0.47 5.37
N ARG A 17 5.09 0.32 6.05
CA ARG A 17 5.58 1.23 7.08
C ARG A 17 5.18 0.75 8.46
N CYS A 18 3.90 0.44 8.64
CA CYS A 18 3.39 -0.04 9.91
C CYS A 18 2.74 -1.41 9.77
N ASN A 19 3.15 -2.14 8.74
CA ASN A 19 2.61 -3.48 8.48
C ASN A 19 1.10 -3.51 8.73
N ALA A 20 0.46 -2.35 8.60
CA ALA A 20 -0.98 -2.24 8.81
C ALA A 20 -1.71 -3.38 8.09
N GLN A 21 -2.73 -3.93 8.76
CA GLN A 21 -3.51 -5.02 8.17
C GLN A 21 -4.85 -4.50 7.66
N PHE A 22 -5.00 -4.50 6.34
CA PHE A 22 -6.23 -4.03 5.72
C PHE A 22 -6.79 -5.09 4.76
N ARG A 23 -7.98 -4.82 4.22
CA ARG A 23 -8.62 -5.74 3.31
C ARG A 23 -8.88 -5.08 1.95
N VAL A 24 -9.34 -3.84 1.99
CA VAL A 24 -9.63 -3.10 0.77
C VAL A 24 -8.47 -2.17 0.41
N THR A 25 -8.50 -1.63 -0.80
CA THR A 25 -7.46 -0.73 -1.27
C THR A 25 -7.70 0.70 -0.79
N GLU A 26 -8.96 1.08 -0.72
CA GLU A 26 -9.33 2.43 -0.27
C GLU A 26 -8.71 2.74 1.09
N ALA A 27 -8.81 1.78 2.01
CA ALA A 27 -8.24 1.96 3.35
C ALA A 27 -6.77 2.30 3.28
N LEU A 28 -6.01 1.48 2.56
CA LEU A 28 -4.57 1.69 2.41
C LEU A 28 -4.28 3.06 1.81
N ARG A 29 -5.05 3.42 0.77
CA ARG A 29 -4.87 4.69 0.10
C ARG A 29 -4.83 5.84 1.11
N GLY A 30 -5.90 5.98 1.88
CA GLY A 30 -5.96 7.03 2.88
C GLY A 30 -5.01 6.80 4.03
N HIS A 31 -5.15 5.66 4.69
CA HIS A 31 -4.31 5.31 5.82
C HIS A 31 -2.84 5.65 5.52
N MET A 32 -2.33 5.12 4.42
CA MET A 32 -0.95 5.37 4.02
C MET A 32 -0.70 6.86 3.79
N CYS A 33 -1.65 7.51 3.12
CA CYS A 33 -1.54 8.93 2.83
C CYS A 33 -1.08 9.70 4.07
N TYR A 34 -1.73 9.43 5.19
CA TYR A 34 -1.40 10.10 6.44
C TYR A 34 -0.24 9.40 7.15
N CYS A 35 -0.25 8.07 7.11
CA CYS A 35 0.80 7.28 7.73
C CYS A 35 2.15 7.51 7.05
N CYS A 36 2.23 7.09 5.79
CA CYS A 36 3.46 7.24 5.01
C CYS A 36 3.20 7.96 3.70
N PRO A 37 3.12 9.29 3.76
CA PRO A 37 2.85 10.13 2.58
C PRO A 37 4.04 10.14 1.61
N GLU A 38 5.20 9.73 2.10
CA GLU A 38 6.41 9.70 1.29
C GLU A 38 6.15 9.00 -0.04
N MET A 39 5.85 7.70 0.04
CA MET A 39 5.57 6.91 -1.16
C MET A 39 4.24 7.30 -1.77
N VAL A 40 3.19 7.32 -0.94
CA VAL A 40 1.86 7.68 -1.41
C VAL A 40 1.91 8.81 -2.43
N GLU A 41 2.69 9.85 -2.11
CA GLU A 41 2.83 11.00 -3.01
C GLU A 41 2.81 10.56 -4.47
N TYR A 42 1.78 10.96 -5.19
CA TYR A 42 1.65 10.60 -6.60
C TYR A 42 1.36 11.85 -7.45
N GLN A 43 2.43 12.52 -7.85
CA GLN A 43 2.30 13.72 -8.67
C GLN A 43 3.01 13.55 -10.01
N SER A 44 2.25 13.71 -11.10
CA SER A 44 2.80 13.55 -12.43
C SER A 44 2.80 14.89 -13.17
N GLY A 45 3.94 15.57 -13.17
CA GLY A 45 4.05 16.85 -13.84
C GLY A 45 3.38 16.85 -15.19
N PRO A 46 4.00 16.19 -16.17
CA PRO A 46 5.28 15.50 -15.96
C PRO A 46 6.44 16.45 -15.74
N SER A 47 7.24 16.16 -14.72
CA SER A 47 8.40 17.01 -14.40
C SER A 47 9.47 16.90 -15.48
N SER A 48 9.33 17.71 -16.52
CA SER A 48 10.29 17.71 -17.62
C SER A 48 11.19 18.93 -17.57
N GLY A 49 11.63 19.28 -16.37
CA GLY A 49 12.49 20.44 -16.19
C GLY A 49 11.92 21.45 -15.23
ZN ZN B . 0.97 2.55 7.68
N GLY A 1 19.52 -1.39 10.56
CA GLY A 1 20.80 -0.80 10.20
C GLY A 1 20.92 -0.51 8.73
N SER A 2 22.14 -0.47 8.22
CA SER A 2 22.39 -0.19 6.81
C SER A 2 21.70 -1.22 5.92
N SER A 3 22.00 -2.49 6.16
CA SER A 3 21.42 -3.57 5.39
C SER A 3 19.94 -3.75 5.73
N GLY A 4 19.21 -4.43 4.84
CA GLY A 4 17.79 -4.65 5.07
C GLY A 4 16.99 -4.65 3.77
N SER A 5 16.84 -5.83 3.17
CA SER A 5 16.11 -5.95 1.93
C SER A 5 14.62 -6.21 2.20
N SER A 6 13.84 -5.13 2.18
CA SER A 6 12.40 -5.24 2.43
C SER A 6 11.64 -4.15 1.69
N GLY A 7 10.39 -4.44 1.33
CA GLY A 7 9.58 -3.47 0.62
C GLY A 7 8.13 -3.93 0.49
N GLN A 8 7.85 -4.69 -0.57
CA GLN A 8 6.50 -5.18 -0.81
C GLN A 8 6.51 -6.67 -1.15
N ASP A 9 6.17 -7.49 -0.17
CA ASP A 9 6.15 -8.94 -0.37
C ASP A 9 5.25 -9.32 -1.55
N GLY A 10 3.96 -8.97 -1.43
CA GLY A 10 3.02 -9.28 -2.49
C GLY A 10 1.89 -10.17 -2.01
N GLY A 11 0.90 -10.38 -2.87
CA GLY A 11 -0.24 -11.21 -2.52
C GLY A 11 -1.19 -10.51 -1.57
N ARG A 12 -0.68 -10.10 -0.41
CA ARG A 12 -1.51 -9.42 0.58
C ARG A 12 -1.02 -7.99 0.80
N LYS A 13 -1.85 -7.02 0.43
CA LYS A 13 -1.50 -5.61 0.58
C LYS A 13 -1.33 -5.25 2.05
N ILE A 14 -0.19 -4.64 2.38
CA ILE A 14 0.09 -4.24 3.75
C ILE A 14 1.03 -3.06 3.80
N CYS A 15 0.77 -2.14 4.73
CA CYS A 15 1.60 -0.94 4.88
C CYS A 15 3.04 -1.32 5.19
N PRO A 16 3.95 -0.97 4.27
CA PRO A 16 5.38 -1.27 4.42
C PRO A 16 6.03 -0.43 5.52
N ARG A 17 5.21 0.34 6.23
CA ARG A 17 5.70 1.19 7.32
C ARG A 17 5.25 0.67 8.67
N CYS A 18 3.94 0.46 8.81
CA CYS A 18 3.38 -0.05 10.06
C CYS A 18 2.69 -1.40 9.84
N ASN A 19 3.13 -2.12 8.82
CA ASN A 19 2.55 -3.43 8.51
C ASN A 19 1.07 -3.47 8.87
N ALA A 20 0.33 -2.48 8.40
CA ALA A 20 -1.11 -2.40 8.67
C ALA A 20 -1.86 -3.49 7.92
N GLN A 21 -2.79 -4.14 8.62
CA GLN A 21 -3.58 -5.21 8.02
C GLN A 21 -4.92 -4.68 7.53
N PHE A 22 -5.06 -4.55 6.21
CA PHE A 22 -6.30 -4.05 5.62
C PHE A 22 -6.87 -5.07 4.63
N ARG A 23 -8.08 -4.79 4.14
CA ARG A 23 -8.73 -5.69 3.19
C ARG A 23 -9.03 -4.96 1.88
N VAL A 24 -9.50 -3.73 1.99
CA VAL A 24 -9.82 -2.92 0.82
C VAL A 24 -8.77 -1.85 0.57
N THR A 25 -8.25 -1.80 -0.65
CA THR A 25 -7.24 -0.82 -1.02
C THR A 25 -7.57 0.56 -0.46
N GLU A 26 -8.85 0.92 -0.55
CA GLU A 26 -9.31 2.22 -0.06
C GLU A 26 -8.64 2.57 1.26
N ALA A 27 -8.73 1.66 2.23
CA ALA A 27 -8.13 1.86 3.54
C ALA A 27 -6.66 2.25 3.42
N LEU A 28 -5.90 1.42 2.73
CA LEU A 28 -4.47 1.67 2.53
C LEU A 28 -4.24 3.03 1.87
N ARG A 29 -5.05 3.32 0.85
CA ARG A 29 -4.94 4.59 0.13
C ARG A 29 -4.86 5.77 1.10
N GLY A 30 -5.92 5.93 1.90
CA GLY A 30 -5.95 7.01 2.87
C GLY A 30 -4.98 6.81 4.01
N HIS A 31 -5.13 5.70 4.72
CA HIS A 31 -4.25 5.39 5.85
C HIS A 31 -2.79 5.67 5.50
N MET A 32 -2.38 5.22 4.32
CA MET A 32 -1.00 5.44 3.86
C MET A 32 -0.74 6.92 3.59
N CYS A 33 -1.71 7.59 2.98
CA CYS A 33 -1.58 9.00 2.66
C CYS A 33 -1.11 9.79 3.88
N TYR A 34 -1.73 9.54 5.02
CA TYR A 34 -1.38 10.23 6.25
C TYR A 34 -0.22 9.52 6.95
N CYS A 35 -0.31 8.20 7.04
CA CYS A 35 0.73 7.41 7.69
C CYS A 35 2.06 7.55 6.95
N CYS A 36 2.16 6.88 5.80
CA CYS A 36 3.38 6.93 5.00
C CYS A 36 3.15 7.69 3.70
N PRO A 37 3.16 9.03 3.80
CA PRO A 37 2.94 9.91 2.65
C PRO A 37 4.11 9.88 1.66
N GLU A 38 5.18 9.20 2.06
CA GLU A 38 6.36 9.09 1.21
C GLU A 38 6.12 8.11 0.05
N MET A 39 5.82 6.87 0.40
CA MET A 39 5.56 5.83 -0.60
C MET A 39 4.41 6.23 -1.51
N VAL A 40 3.25 6.49 -0.90
CA VAL A 40 2.06 6.88 -1.65
C VAL A 40 2.40 7.95 -2.69
N GLU A 41 2.24 7.60 -3.97
CA GLU A 41 2.52 8.53 -5.04
C GLU A 41 1.33 8.66 -5.99
N TYR A 42 0.48 9.64 -5.73
CA TYR A 42 -0.70 9.86 -6.55
C TYR A 42 -0.33 10.07 -8.01
N GLN A 43 -1.25 9.77 -8.91
CA GLN A 43 -1.02 9.92 -10.34
C GLN A 43 -1.80 11.10 -10.90
N SER A 44 -1.08 12.18 -11.25
CA SER A 44 -1.71 13.38 -11.78
C SER A 44 -2.41 13.07 -13.11
N GLY A 45 -1.67 12.49 -14.04
CA GLY A 45 -2.24 12.16 -15.33
C GLY A 45 -3.12 10.93 -15.29
N PRO A 46 -3.48 10.41 -16.47
CA PRO A 46 -3.06 10.98 -17.75
C PRO A 46 -3.72 12.32 -18.03
N SER A 47 -4.98 12.46 -17.62
CA SER A 47 -5.73 13.69 -17.82
C SER A 47 -5.30 14.76 -16.83
N SER A 48 -4.84 15.89 -17.35
CA SER A 48 -4.39 17.00 -16.51
C SER A 48 -4.66 18.35 -17.19
N GLY A 49 -5.16 19.30 -16.41
CA GLY A 49 -5.45 20.62 -16.95
C GLY A 49 -6.94 20.94 -16.92
ZN ZN B . 1.01 2.61 7.84
N GLY A 1 20.56 -13.32 8.59
CA GLY A 1 19.50 -14.09 7.98
C GLY A 1 18.30 -14.24 8.88
N SER A 2 17.13 -14.48 8.29
CA SER A 2 15.90 -14.63 9.05
C SER A 2 15.33 -16.04 8.89
N SER A 3 14.58 -16.49 9.88
CA SER A 3 13.98 -17.82 9.85
C SER A 3 12.50 -17.76 10.23
N GLY A 4 11.76 -18.82 9.89
CA GLY A 4 10.35 -18.86 10.20
C GLY A 4 9.54 -17.86 9.39
N SER A 5 9.29 -18.19 8.13
CA SER A 5 8.53 -17.31 7.25
C SER A 5 7.10 -17.15 7.76
N SER A 6 6.79 -15.95 8.26
CA SER A 6 5.45 -15.67 8.78
C SER A 6 4.42 -15.64 7.65
N GLY A 7 3.55 -16.63 7.61
CA GLY A 7 2.53 -16.70 6.58
C GLY A 7 3.12 -16.69 5.18
N GLN A 8 2.25 -16.67 4.18
CA GLN A 8 2.69 -16.66 2.79
C GLN A 8 2.35 -15.33 2.12
N ASP A 9 3.10 -14.99 1.07
CA ASP A 9 2.87 -13.76 0.35
C ASP A 9 2.57 -14.04 -1.13
N GLY A 10 1.29 -14.15 -1.45
CA GLY A 10 0.90 -14.42 -2.83
C GLY A 10 -0.31 -13.61 -3.25
N GLY A 11 -0.33 -12.33 -2.89
CA GLY A 11 -1.44 -11.47 -3.25
C GLY A 11 -2.04 -10.77 -2.04
N ARG A 12 -1.18 -10.18 -1.23
CA ARG A 12 -1.63 -9.47 -0.03
C ARG A 12 -1.02 -8.08 0.04
N LYS A 13 -1.79 -7.11 0.52
CA LYS A 13 -1.34 -5.74 0.64
C LYS A 13 -1.13 -5.35 2.10
N ILE A 14 0.09 -4.94 2.44
CA ILE A 14 0.41 -4.54 3.80
C ILE A 14 1.39 -3.36 3.81
N CYS A 15 1.01 -2.29 4.50
CA CYS A 15 1.85 -1.11 4.60
C CYS A 15 3.28 -1.49 4.93
N PRO A 16 4.21 -1.15 4.01
CA PRO A 16 5.63 -1.44 4.19
C PRO A 16 6.28 -0.59 5.28
N ARG A 17 5.45 0.23 5.95
CA ARG A 17 5.93 1.09 7.01
C ARG A 17 5.48 0.58 8.37
N CYS A 18 4.17 0.67 8.62
CA CYS A 18 3.60 0.23 9.89
C CYS A 18 3.27 -1.26 9.84
N ASN A 19 2.91 -1.74 8.66
CA ASN A 19 2.56 -3.15 8.47
C ASN A 19 1.22 -3.47 9.11
N ALA A 20 0.22 -2.64 8.82
CA ALA A 20 -1.11 -2.84 9.38
C ALA A 20 -1.90 -3.85 8.56
N GLN A 21 -3.14 -4.12 8.98
CA GLN A 21 -3.99 -5.07 8.29
C GLN A 21 -5.21 -4.39 7.69
N PHE A 22 -5.42 -4.58 6.39
CA PHE A 22 -6.55 -3.98 5.70
C PHE A 22 -7.20 -4.98 4.75
N ARG A 23 -8.47 -4.72 4.40
CA ARG A 23 -9.21 -5.60 3.50
C ARG A 23 -9.19 -5.05 2.09
N VAL A 24 -9.77 -3.86 1.90
CA VAL A 24 -9.83 -3.24 0.60
C VAL A 24 -8.62 -2.32 0.37
N THR A 25 -8.51 -1.79 -0.84
CA THR A 25 -7.40 -0.91 -1.19
C THR A 25 -7.63 0.49 -0.65
N GLU A 26 -8.82 1.03 -0.89
CA GLU A 26 -9.16 2.37 -0.42
C GLU A 26 -8.59 2.63 0.96
N ALA A 27 -8.88 1.73 1.90
CA ALA A 27 -8.38 1.86 3.27
C ALA A 27 -6.89 2.17 3.28
N LEU A 28 -6.13 1.45 2.47
CA LEU A 28 -4.69 1.65 2.39
C LEU A 28 -4.36 3.01 1.79
N ARG A 29 -5.10 3.40 0.76
CA ARG A 29 -4.89 4.68 0.10
C ARG A 29 -4.84 5.81 1.12
N GLY A 30 -5.93 5.98 1.87
CA GLY A 30 -5.98 7.03 2.87
C GLY A 30 -5.01 6.79 4.01
N HIS A 31 -5.16 5.67 4.69
CA HIS A 31 -4.28 5.33 5.81
C HIS A 31 -2.83 5.60 5.46
N MET A 32 -2.38 5.05 4.33
CA MET A 32 -1.01 5.23 3.88
C MET A 32 -0.70 6.70 3.67
N CYS A 33 -1.65 7.44 3.11
CA CYS A 33 -1.48 8.86 2.86
C CYS A 33 -0.98 9.58 4.09
N TYR A 34 -1.77 9.53 5.16
CA TYR A 34 -1.41 10.18 6.41
C TYR A 34 -0.27 9.44 7.11
N CYS A 35 -0.31 8.11 7.05
CA CYS A 35 0.70 7.28 7.67
C CYS A 35 2.08 7.59 7.11
N CYS A 36 2.28 7.24 5.83
CA CYS A 36 3.56 7.48 5.18
C CYS A 36 3.36 8.26 3.87
N PRO A 37 3.14 9.58 4.01
CA PRO A 37 2.94 10.47 2.85
C PRO A 37 4.20 10.65 2.03
N GLU A 38 5.29 10.03 2.47
CA GLU A 38 6.57 10.13 1.77
C GLU A 38 6.56 9.29 0.50
N MET A 39 6.29 7.99 0.65
CA MET A 39 6.26 7.09 -0.49
C MET A 39 4.96 7.26 -1.27
N VAL A 40 3.83 7.26 -0.56
CA VAL A 40 2.53 7.41 -1.19
C VAL A 40 2.53 8.60 -2.16
N GLU A 41 2.13 8.35 -3.40
CA GLU A 41 2.08 9.39 -4.41
C GLU A 41 0.72 9.42 -5.10
N TYR A 42 0.40 10.55 -5.72
CA TYR A 42 -0.88 10.70 -6.41
C TYR A 42 -0.79 10.17 -7.84
N GLN A 43 -0.01 10.87 -8.67
CA GLN A 43 0.16 10.46 -10.06
C GLN A 43 0.58 9.00 -10.16
N SER A 44 0.31 8.39 -11.31
CA SER A 44 0.67 6.99 -11.53
C SER A 44 1.97 6.63 -10.81
N GLY A 45 2.96 7.51 -10.94
CA GLY A 45 4.24 7.27 -10.31
C GLY A 45 4.10 6.89 -8.85
N PRO A 46 5.23 6.52 -8.22
CA PRO A 46 6.53 6.46 -8.90
C PRO A 46 6.61 5.34 -9.92
N SER A 47 6.84 5.71 -11.18
CA SER A 47 6.94 4.74 -12.26
C SER A 47 8.26 3.98 -12.20
N SER A 48 8.21 2.69 -12.52
CA SER A 48 9.41 1.86 -12.50
C SER A 48 9.53 1.05 -13.79
N GLY A 49 10.72 1.11 -14.40
CA GLY A 49 10.95 0.38 -15.63
C GLY A 49 11.04 -1.12 -15.42
ZN ZN B . 0.92 2.57 7.40
N GLY A 1 1.17 -22.78 -6.33
CA GLY A 1 1.47 -22.30 -7.67
C GLY A 1 0.22 -22.15 -8.52
N SER A 2 0.41 -21.86 -9.80
CA SER A 2 -0.71 -21.68 -10.72
C SER A 2 -0.33 -22.12 -12.13
N SER A 3 -1.34 -22.49 -12.92
CA SER A 3 -1.11 -22.94 -14.28
C SER A 3 -0.01 -22.12 -14.95
N GLY A 4 -0.08 -20.80 -14.76
CA GLY A 4 0.91 -19.91 -15.35
C GLY A 4 0.35 -19.09 -16.50
N SER A 5 0.02 -17.84 -16.22
CA SER A 5 -0.54 -16.95 -17.23
C SER A 5 -0.34 -15.49 -16.84
N SER A 6 0.22 -14.70 -17.75
CA SER A 6 0.47 -13.28 -17.50
C SER A 6 -0.77 -12.62 -16.90
N GLY A 7 -0.67 -12.27 -15.62
CA GLY A 7 -1.79 -11.63 -14.94
C GLY A 7 -1.34 -10.73 -13.80
N GLN A 8 -2.24 -9.87 -13.34
CA GLN A 8 -1.93 -8.96 -12.25
C GLN A 8 -2.08 -9.66 -10.90
N ASP A 9 -0.97 -9.83 -10.19
CA ASP A 9 -0.97 -10.48 -8.89
C ASP A 9 -1.11 -9.45 -7.77
N GLY A 10 -2.31 -9.40 -7.17
CA GLY A 10 -2.56 -8.47 -6.09
C GLY A 10 -2.11 -8.99 -4.75
N GLY A 11 -0.80 -8.92 -4.49
CA GLY A 11 -0.27 -9.41 -3.23
C GLY A 11 -0.94 -8.76 -2.03
N ARG A 12 -0.77 -9.36 -0.85
CA ARG A 12 -1.36 -8.84 0.36
C ARG A 12 -0.86 -7.42 0.65
N LYS A 13 -1.65 -6.43 0.26
CA LYS A 13 -1.30 -5.04 0.48
C LYS A 13 -1.18 -4.73 1.96
N ILE A 14 0.05 -4.53 2.42
CA ILE A 14 0.30 -4.22 3.82
C ILE A 14 1.27 -3.04 3.96
N CYS A 15 0.83 -2.01 4.67
CA CYS A 15 1.65 -0.83 4.88
C CYS A 15 3.09 -1.21 5.19
N PRO A 16 4.02 -0.82 4.29
CA PRO A 16 5.44 -1.12 4.43
C PRO A 16 6.08 -0.33 5.57
N ARG A 17 5.25 0.40 6.32
CA ARG A 17 5.74 1.20 7.43
C ARG A 17 5.30 0.60 8.77
N CYS A 18 3.99 0.43 8.92
CA CYS A 18 3.43 -0.13 10.14
C CYS A 18 2.78 -1.50 9.88
N ASN A 19 3.23 -2.15 8.81
CA ASN A 19 2.70 -3.46 8.44
C ASN A 19 1.23 -3.57 8.83
N ALA A 20 0.49 -2.49 8.66
CA ALA A 20 -0.93 -2.46 8.97
C ALA A 20 -1.71 -3.44 8.10
N GLN A 21 -2.66 -4.14 8.70
CA GLN A 21 -3.47 -5.10 7.96
C GLN A 21 -4.76 -4.45 7.45
N PHE A 22 -5.13 -4.79 6.22
CA PHE A 22 -6.33 -4.24 5.61
C PHE A 22 -6.96 -5.24 4.64
N ARG A 23 -8.21 -5.00 4.28
CA ARG A 23 -8.92 -5.88 3.35
C ARG A 23 -9.19 -5.16 2.02
N VAL A 24 -9.68 -3.94 2.10
CA VAL A 24 -9.98 -3.15 0.91
C VAL A 24 -8.77 -2.31 0.50
N THR A 25 -8.91 -1.62 -0.63
CA THR A 25 -7.83 -0.77 -1.15
C THR A 25 -7.97 0.66 -0.63
N GLU A 26 -9.16 1.23 -0.81
CA GLU A 26 -9.42 2.60 -0.37
C GLU A 26 -8.81 2.85 0.99
N ALA A 27 -9.07 1.95 1.94
CA ALA A 27 -8.54 2.08 3.29
C ALA A 27 -7.04 2.35 3.26
N LEU A 28 -6.29 1.44 2.64
CA LEU A 28 -4.84 1.58 2.55
C LEU A 28 -4.46 2.90 1.88
N ARG A 29 -5.18 3.24 0.82
CA ARG A 29 -4.93 4.48 0.09
C ARG A 29 -4.78 5.66 1.05
N GLY A 30 -5.82 5.90 1.83
CA GLY A 30 -5.79 6.99 2.79
C GLY A 30 -4.83 6.75 3.93
N HIS A 31 -5.02 5.65 4.64
CA HIS A 31 -4.16 5.31 5.77
C HIS A 31 -2.69 5.49 5.40
N MET A 32 -2.34 5.13 4.16
CA MET A 32 -0.97 5.26 3.69
C MET A 32 -0.59 6.73 3.49
N CYS A 33 -1.49 7.48 2.85
CA CYS A 33 -1.25 8.90 2.61
C CYS A 33 -0.87 9.62 3.89
N TYR A 34 -1.62 9.36 4.95
CA TYR A 34 -1.36 10.00 6.24
C TYR A 34 -0.21 9.32 6.96
N CYS A 35 -0.30 8.00 7.09
CA CYS A 35 0.74 7.22 7.75
C CYS A 35 2.11 7.51 7.15
N CYS A 36 2.29 7.12 5.89
CA CYS A 36 3.55 7.33 5.19
C CYS A 36 3.33 8.07 3.87
N PRO A 37 3.24 9.41 3.95
CA PRO A 37 3.03 10.25 2.78
C PRO A 37 4.24 10.28 1.85
N GLU A 38 5.42 10.06 2.42
CA GLU A 38 6.66 10.07 1.65
C GLU A 38 6.59 9.04 0.51
N MET A 39 6.56 7.77 0.90
CA MET A 39 6.50 6.68 -0.09
C MET A 39 5.31 6.87 -1.03
N VAL A 40 4.12 6.98 -0.46
CA VAL A 40 2.91 7.17 -1.24
C VAL A 40 3.15 8.10 -2.42
N GLU A 41 2.90 7.60 -3.63
CA GLU A 41 3.10 8.39 -4.84
C GLU A 41 1.77 8.93 -5.36
N TYR A 42 1.77 10.18 -5.81
CA TYR A 42 0.57 10.81 -6.33
C TYR A 42 0.92 11.99 -7.23
N GLN A 43 0.16 12.15 -8.31
CA GLN A 43 0.39 13.24 -9.24
C GLN A 43 -0.88 14.04 -9.47
N SER A 44 -0.91 15.27 -8.95
CA SER A 44 -2.08 16.13 -9.09
C SER A 44 -2.02 16.91 -10.39
N GLY A 45 -3.14 16.92 -11.11
CA GLY A 45 -3.20 17.63 -12.38
C GLY A 45 -4.53 18.31 -12.59
N PRO A 46 -4.68 18.97 -13.76
CA PRO A 46 -3.64 19.03 -14.77
C PRO A 46 -2.45 19.89 -14.33
N SER A 47 -2.74 20.96 -13.58
CA SER A 47 -1.70 21.85 -13.09
C SER A 47 -1.17 21.39 -11.74
N SER A 48 0.13 21.18 -11.66
CA SER A 48 0.77 20.74 -10.43
C SER A 48 0.88 21.88 -9.43
N GLY A 49 0.92 21.54 -8.14
CA GLY A 49 1.02 22.55 -7.11
C GLY A 49 0.64 22.02 -5.74
ZN ZN B . 0.85 2.51 8.10
N GLY A 1 13.23 -34.69 5.55
CA GLY A 1 13.15 -33.25 5.46
C GLY A 1 12.11 -32.77 4.48
N SER A 2 10.90 -32.52 4.99
CA SER A 2 9.80 -32.06 4.14
C SER A 2 9.13 -30.83 4.74
N SER A 3 9.69 -29.67 4.46
CA SER A 3 9.15 -28.41 4.96
C SER A 3 9.58 -27.24 4.09
N GLY A 4 8.60 -26.47 3.63
CA GLY A 4 8.89 -25.33 2.79
C GLY A 4 7.63 -24.74 2.15
N SER A 5 7.78 -24.20 0.95
CA SER A 5 6.66 -23.60 0.23
C SER A 5 6.59 -24.10 -1.20
N SER A 6 5.54 -23.71 -1.91
CA SER A 6 5.34 -24.12 -3.29
C SER A 6 4.52 -23.10 -4.06
N GLY A 7 4.69 -23.08 -5.38
CA GLY A 7 3.95 -22.14 -6.21
C GLY A 7 3.82 -20.78 -5.56
N GLN A 8 4.85 -19.96 -5.70
CA GLN A 8 4.84 -18.62 -5.12
C GLN A 8 4.16 -17.63 -6.04
N ASP A 9 2.84 -17.53 -5.93
CA ASP A 9 2.06 -16.62 -6.76
C ASP A 9 1.13 -15.76 -5.90
N GLY A 10 0.56 -14.72 -6.51
CA GLY A 10 -0.33 -13.84 -5.78
C GLY A 10 0.39 -13.04 -4.71
N GLY A 11 -0.18 -11.89 -4.35
CA GLY A 11 0.43 -11.05 -3.34
C GLY A 11 -0.60 -10.26 -2.55
N ARG A 12 -0.19 -9.75 -1.40
CA ARG A 12 -1.08 -8.98 -0.54
C ARG A 12 -0.51 -7.59 -0.26
N LYS A 13 -1.38 -6.66 0.12
CA LYS A 13 -0.96 -5.30 0.40
C LYS A 13 -0.80 -5.08 1.91
N ILE A 14 0.36 -4.59 2.31
CA ILE A 14 0.63 -4.34 3.72
C ILE A 14 1.62 -3.18 3.89
N CYS A 15 1.14 -2.08 4.47
CA CYS A 15 1.97 -0.91 4.69
C CYS A 15 3.35 -1.31 5.20
N PRO A 16 4.39 -1.04 4.39
CA PRO A 16 5.77 -1.36 4.74
C PRO A 16 6.30 -0.49 5.87
N ARG A 17 5.44 0.35 6.43
CA ARG A 17 5.82 1.23 7.52
C ARG A 17 5.25 0.74 8.85
N CYS A 18 3.93 0.75 8.96
CA CYS A 18 3.25 0.30 10.17
C CYS A 18 2.98 -1.20 10.12
N ASN A 19 2.99 -1.76 8.92
CA ASN A 19 2.74 -3.18 8.74
C ASN A 19 1.34 -3.56 9.23
N ALA A 20 0.34 -2.83 8.76
CA ALA A 20 -1.04 -3.09 9.15
C ALA A 20 -1.77 -3.90 8.08
N GLN A 21 -2.62 -4.82 8.53
CA GLN A 21 -3.38 -5.66 7.60
C GLN A 21 -4.73 -5.02 7.26
N PHE A 22 -5.00 -4.90 5.97
CA PHE A 22 -6.25 -4.31 5.50
C PHE A 22 -6.99 -5.26 4.57
N ARG A 23 -8.26 -4.95 4.30
CA ARG A 23 -9.08 -5.77 3.43
C ARG A 23 -9.38 -5.04 2.12
N VAL A 24 -9.79 -3.78 2.23
CA VAL A 24 -10.11 -2.97 1.06
C VAL A 24 -8.94 -2.06 0.68
N THR A 25 -8.97 -1.55 -0.55
CA THR A 25 -7.92 -0.68 -1.02
C THR A 25 -8.08 0.74 -0.47
N GLU A 26 -9.27 1.31 -0.66
CA GLU A 26 -9.55 2.65 -0.18
C GLU A 26 -8.85 2.93 1.14
N ALA A 27 -8.91 1.94 2.04
CA ALA A 27 -8.27 2.07 3.35
C ALA A 27 -6.79 2.44 3.20
N LEU A 28 -6.04 1.57 2.55
CA LEU A 28 -4.61 1.79 2.34
C LEU A 28 -4.36 3.15 1.68
N ARG A 29 -5.15 3.45 0.65
CA ARG A 29 -5.02 4.71 -0.06
C ARG A 29 -4.88 5.88 0.91
N GLY A 30 -5.91 6.10 1.70
CA GLY A 30 -5.90 7.19 2.66
C GLY A 30 -4.94 6.93 3.81
N HIS A 31 -5.17 5.83 4.53
CA HIS A 31 -4.32 5.46 5.66
C HIS A 31 -2.86 5.74 5.34
N MET A 32 -2.40 5.26 4.19
CA MET A 32 -1.02 5.45 3.77
C MET A 32 -0.71 6.93 3.56
N CYS A 33 -1.59 7.62 2.82
CA CYS A 33 -1.41 9.04 2.54
C CYS A 33 -0.98 9.79 3.80
N TYR A 34 -1.59 9.44 4.92
CA TYR A 34 -1.27 10.08 6.20
C TYR A 34 -0.11 9.36 6.90
N CYS A 35 -0.33 8.10 7.23
CA CYS A 35 0.69 7.30 7.89
C CYS A 35 2.02 7.40 7.18
N CYS A 36 2.05 6.96 5.92
CA CYS A 36 3.27 6.99 5.12
C CYS A 36 3.01 7.69 3.79
N PRO A 37 3.10 9.04 3.80
CA PRO A 37 2.89 9.86 2.60
C PRO A 37 4.01 9.69 1.58
N GLU A 38 5.24 9.75 2.06
CA GLU A 38 6.41 9.61 1.18
C GLU A 38 6.21 8.47 0.19
N MET A 39 5.67 7.36 0.68
CA MET A 39 5.42 6.19 -0.16
C MET A 39 4.04 6.27 -0.81
N VAL A 40 3.73 7.41 -1.39
CA VAL A 40 2.43 7.61 -2.04
C VAL A 40 2.58 8.43 -3.31
N GLU A 41 1.84 8.04 -4.35
CA GLU A 41 1.89 8.74 -5.63
C GLU A 41 1.71 10.24 -5.43
N TYR A 42 2.81 10.98 -5.49
CA TYR A 42 2.76 12.43 -5.32
C TYR A 42 1.55 13.03 -6.02
N GLN A 43 1.32 12.61 -7.26
CA GLN A 43 0.20 13.10 -8.04
C GLN A 43 -1.11 12.97 -7.26
N SER A 44 -1.92 14.03 -7.29
CA SER A 44 -3.19 14.02 -6.57
C SER A 44 -4.36 14.09 -7.55
N GLY A 45 -4.29 15.03 -8.49
CA GLY A 45 -5.34 15.17 -9.47
C GLY A 45 -5.38 14.04 -10.47
N PRO A 46 -5.99 14.28 -11.64
CA PRO A 46 -6.62 15.57 -11.95
C PRO A 46 -7.86 15.82 -11.12
N SER A 47 -8.38 14.78 -10.48
CA SER A 47 -9.57 14.88 -9.66
C SER A 47 -9.30 15.71 -8.41
N SER A 48 -10.03 16.81 -8.26
CA SER A 48 -9.87 17.68 -7.11
C SER A 48 -11.16 18.44 -6.81
N GLY A 49 -11.55 18.44 -5.53
CA GLY A 49 -12.76 19.13 -5.13
C GLY A 49 -12.96 19.13 -3.63
ZN ZN B . 0.83 2.64 7.58
N GLY A 1 16.54 -28.36 -4.98
CA GLY A 1 16.59 -26.96 -4.64
C GLY A 1 15.41 -26.17 -5.17
N SER A 2 14.31 -26.19 -4.42
CA SER A 2 13.09 -25.48 -4.84
C SER A 2 13.19 -23.99 -4.51
N SER A 3 14.36 -23.41 -4.78
CA SER A 3 14.58 -21.99 -4.52
C SER A 3 14.63 -21.20 -5.81
N GLY A 4 13.75 -20.20 -5.92
CA GLY A 4 13.71 -19.38 -7.11
C GLY A 4 12.58 -18.37 -7.08
N SER A 5 11.76 -18.38 -8.13
CA SER A 5 10.63 -17.46 -8.23
C SER A 5 9.31 -18.23 -8.29
N SER A 6 8.71 -18.45 -7.12
CA SER A 6 7.44 -19.18 -7.03
C SER A 6 6.41 -18.37 -6.27
N GLY A 7 5.56 -17.66 -7.01
CA GLY A 7 4.52 -16.85 -6.39
C GLY A 7 4.84 -15.37 -6.44
N GLN A 8 5.15 -14.87 -7.64
CA GLN A 8 5.48 -13.46 -7.81
C GLN A 8 4.22 -12.61 -7.80
N ASP A 9 3.23 -12.99 -8.61
CA ASP A 9 1.98 -12.25 -8.70
C ASP A 9 1.07 -12.60 -7.52
N GLY A 10 0.75 -11.59 -6.72
CA GLY A 10 -0.11 -11.82 -5.57
C GLY A 10 0.63 -11.67 -4.25
N GLY A 11 -0.11 -11.66 -3.15
CA GLY A 11 0.50 -11.52 -1.84
C GLY A 11 -0.45 -10.94 -0.82
N ARG A 12 0.07 -10.10 0.07
CA ARG A 12 -0.74 -9.48 1.11
C ARG A 12 -0.35 -8.02 1.30
N LYS A 13 -1.21 -7.11 0.85
CA LYS A 13 -0.95 -5.68 0.97
C LYS A 13 -0.91 -5.26 2.43
N ILE A 14 0.25 -4.78 2.87
CA ILE A 14 0.41 -4.34 4.25
C ILE A 14 1.43 -3.21 4.35
N CYS A 15 0.95 -2.01 4.70
CA CYS A 15 1.82 -0.85 4.83
C CYS A 15 3.20 -1.26 5.34
N PRO A 16 4.23 -1.04 4.50
CA PRO A 16 5.62 -1.37 4.85
C PRO A 16 6.17 -0.46 5.94
N ARG A 17 5.32 0.41 6.48
CA ARG A 17 5.73 1.33 7.53
C ARG A 17 5.30 0.81 8.91
N CYS A 18 4.00 0.69 9.11
CA CYS A 18 3.46 0.21 10.37
C CYS A 18 3.08 -1.27 10.28
N ASN A 19 3.16 -1.82 9.08
CA ASN A 19 2.82 -3.22 8.84
C ASN A 19 1.37 -3.49 9.22
N ALA A 20 0.47 -2.66 8.70
CA ALA A 20 -0.96 -2.82 8.98
C ALA A 20 -1.66 -3.53 7.84
N GLN A 21 -2.51 -4.50 8.18
CA GLN A 21 -3.24 -5.27 7.19
C GLN A 21 -4.60 -4.64 6.92
N PHE A 22 -5.10 -4.82 5.69
CA PHE A 22 -6.40 -4.27 5.31
C PHE A 22 -7.10 -5.19 4.31
N ARG A 23 -8.32 -4.82 3.94
CA ARG A 23 -9.10 -5.61 2.99
C ARG A 23 -9.31 -4.84 1.69
N VAL A 24 -9.92 -3.65 1.81
CA VAL A 24 -10.19 -2.81 0.65
C VAL A 24 -9.07 -1.79 0.44
N THR A 25 -8.71 -1.56 -0.82
CA THR A 25 -7.67 -0.61 -1.16
C THR A 25 -7.88 0.73 -0.44
N GLU A 26 -9.12 1.21 -0.49
CA GLU A 26 -9.46 2.48 0.15
C GLU A 26 -8.69 2.65 1.46
N ALA A 27 -8.81 1.66 2.35
CA ALA A 27 -8.13 1.70 3.64
C ALA A 27 -6.69 2.16 3.48
N LEU A 28 -5.91 1.42 2.70
CA LEU A 28 -4.52 1.76 2.46
C LEU A 28 -4.38 3.15 1.86
N ARG A 29 -5.11 3.39 0.77
CA ARG A 29 -5.08 4.68 0.10
C ARG A 29 -4.92 5.82 1.11
N GLY A 30 -5.92 5.97 1.98
CA GLY A 30 -5.87 7.02 2.98
C GLY A 30 -4.82 6.76 4.04
N HIS A 31 -5.06 5.74 4.86
CA HIS A 31 -4.12 5.39 5.92
C HIS A 31 -2.68 5.64 5.49
N MET A 32 -2.42 5.46 4.19
CA MET A 32 -1.08 5.67 3.66
C MET A 32 -0.77 7.16 3.53
N CYS A 33 -1.63 7.88 2.82
CA CYS A 33 -1.45 9.31 2.60
C CYS A 33 -1.19 10.02 3.93
N TYR A 34 -1.61 9.39 5.03
CA TYR A 34 -1.43 9.95 6.36
C TYR A 34 -0.22 9.34 7.06
N CYS A 35 -0.19 8.01 7.10
CA CYS A 35 0.92 7.30 7.74
C CYS A 35 2.19 7.41 6.90
N CYS A 36 2.16 6.82 5.71
CA CYS A 36 3.32 6.85 4.83
C CYS A 36 2.93 7.38 3.45
N PRO A 37 2.87 8.73 3.34
CA PRO A 37 2.51 9.39 2.08
C PRO A 37 3.60 9.24 1.01
N GLU A 38 4.84 9.14 1.45
CA GLU A 38 5.97 9.00 0.53
C GLU A 38 5.58 8.14 -0.67
N MET A 39 5.28 6.87 -0.41
CA MET A 39 4.89 5.95 -1.47
C MET A 39 3.72 6.50 -2.27
N VAL A 40 2.62 6.79 -1.57
CA VAL A 40 1.43 7.32 -2.21
C VAL A 40 1.79 8.28 -3.33
N GLU A 41 1.23 8.03 -4.52
CA GLU A 41 1.49 8.87 -5.68
C GLU A 41 0.19 9.30 -6.35
N TYR A 42 -0.41 10.37 -5.83
CA TYR A 42 -1.67 10.88 -6.38
C TYR A 42 -1.43 11.61 -7.69
N GLN A 43 -2.21 11.26 -8.71
CA GLN A 43 -2.08 11.88 -10.02
C GLN A 43 -3.35 11.69 -10.83
N SER A 44 -3.44 12.39 -11.97
CA SER A 44 -4.61 12.30 -12.84
C SER A 44 -4.23 12.60 -14.28
N GLY A 45 -5.02 12.09 -15.22
CA GLY A 45 -4.75 12.32 -16.63
C GLY A 45 -4.88 11.04 -17.45
N PRO A 46 -4.29 11.06 -18.66
CA PRO A 46 -3.56 12.23 -19.17
C PRO A 46 -4.48 13.40 -19.50
N SER A 47 -4.36 14.48 -18.73
CA SER A 47 -5.19 15.66 -18.94
C SER A 47 -4.87 16.32 -20.27
N SER A 48 -5.84 17.03 -20.82
CA SER A 48 -5.66 17.72 -22.10
C SER A 48 -5.09 19.12 -21.89
N GLY A 49 -3.87 19.33 -22.37
CA GLY A 49 -3.24 20.62 -22.23
C GLY A 49 -3.50 21.53 -23.42
ZN ZN B . 1.21 2.65 7.88
N GLY A 1 -8.02 -30.72 -14.02
CA GLY A 1 -8.15 -30.41 -12.61
C GLY A 1 -8.61 -28.98 -12.37
N SER A 2 -9.78 -28.84 -11.75
CA SER A 2 -10.33 -27.52 -11.46
C SER A 2 -9.49 -26.80 -10.41
N SER A 3 -8.46 -26.10 -10.86
CA SER A 3 -7.57 -25.37 -9.95
C SER A 3 -8.01 -23.91 -9.83
N GLY A 4 -7.87 -23.36 -8.63
CA GLY A 4 -8.26 -21.97 -8.41
C GLY A 4 -8.03 -21.54 -6.97
N SER A 5 -8.33 -20.27 -6.69
CA SER A 5 -8.14 -19.73 -5.35
C SER A 5 -9.40 -19.01 -4.87
N SER A 6 -10.04 -19.57 -3.85
CA SER A 6 -11.26 -18.99 -3.30
C SER A 6 -10.99 -18.32 -1.95
N GLY A 7 -10.92 -17.00 -1.95
CA GLY A 7 -10.67 -16.27 -0.72
C GLY A 7 -9.55 -15.25 -0.87
N GLN A 8 -8.31 -15.73 -0.87
CA GLN A 8 -7.15 -14.85 -1.00
C GLN A 8 -6.30 -15.25 -2.20
N ASP A 9 -6.14 -14.34 -3.14
CA ASP A 9 -5.33 -14.60 -4.33
C ASP A 9 -4.63 -13.33 -4.80
N GLY A 10 -3.36 -13.47 -5.18
CA GLY A 10 -2.58 -12.33 -5.64
C GLY A 10 -1.51 -11.93 -4.66
N GLY A 11 -1.61 -10.72 -4.11
CA GLY A 11 -0.63 -10.24 -3.16
C GLY A 11 -1.26 -9.54 -1.98
N ARG A 12 -0.94 -9.99 -0.77
CA ARG A 12 -1.48 -9.41 0.44
C ARG A 12 -0.99 -7.97 0.62
N LYS A 13 -1.87 -7.01 0.41
CA LYS A 13 -1.53 -5.61 0.54
C LYS A 13 -1.32 -5.24 2.01
N ILE A 14 -0.16 -4.67 2.31
CA ILE A 14 0.17 -4.27 3.66
C ILE A 14 1.07 -3.03 3.68
N CYS A 15 0.89 -2.18 4.68
CA CYS A 15 1.69 -0.97 4.81
C CYS A 15 3.12 -1.30 5.21
N PRO A 16 4.08 -0.95 4.34
CA PRO A 16 5.50 -1.21 4.58
C PRO A 16 6.07 -0.32 5.70
N ARG A 17 5.18 0.42 6.35
CA ARG A 17 5.60 1.31 7.43
C ARG A 17 5.12 0.78 8.78
N CYS A 18 3.85 0.41 8.85
CA CYS A 18 3.26 -0.12 10.08
C CYS A 18 2.63 -1.49 9.84
N ASN A 19 3.04 -2.13 8.76
CA ASN A 19 2.51 -3.46 8.42
C ASN A 19 1.01 -3.51 8.63
N ALA A 20 0.35 -2.39 8.43
CA ALA A 20 -1.10 -2.31 8.60
C ALA A 20 -1.80 -3.45 7.89
N GLN A 21 -2.75 -4.08 8.56
CA GLN A 21 -3.50 -5.19 7.98
C GLN A 21 -4.88 -4.74 7.51
N PHE A 22 -4.99 -4.42 6.23
CA PHE A 22 -6.26 -3.97 5.65
C PHE A 22 -6.84 -5.03 4.73
N ARG A 23 -8.08 -4.81 4.28
CA ARG A 23 -8.76 -5.74 3.40
C ARG A 23 -9.02 -5.10 2.04
N VAL A 24 -9.57 -3.89 2.06
CA VAL A 24 -9.88 -3.17 0.83
C VAL A 24 -8.70 -2.30 0.39
N THR A 25 -8.84 -1.68 -0.78
CA THR A 25 -7.78 -0.82 -1.30
C THR A 25 -7.94 0.62 -0.81
N GLU A 26 -9.17 0.98 -0.44
CA GLU A 26 -9.46 2.32 0.05
C GLU A 26 -8.73 2.58 1.37
N ALA A 27 -8.89 1.66 2.32
CA ALA A 27 -8.25 1.80 3.61
C ALA A 27 -6.79 2.20 3.47
N LEU A 28 -6.03 1.43 2.68
CA LEU A 28 -4.62 1.72 2.47
C LEU A 28 -4.43 3.09 1.86
N ARG A 29 -5.08 3.34 0.72
CA ARG A 29 -4.97 4.62 0.04
C ARG A 29 -4.88 5.76 1.04
N GLY A 30 -5.93 5.95 1.82
CA GLY A 30 -5.96 7.01 2.82
C GLY A 30 -4.96 6.76 3.94
N HIS A 31 -5.06 5.60 4.56
CA HIS A 31 -4.17 5.25 5.66
C HIS A 31 -2.73 5.63 5.34
N MET A 32 -2.17 5.00 4.32
CA MET A 32 -0.79 5.28 3.90
C MET A 32 -0.59 6.78 3.68
N CYS A 33 -1.49 7.38 2.90
CA CYS A 33 -1.41 8.81 2.60
C CYS A 33 -0.93 9.59 3.81
N TYR A 34 -1.63 9.44 4.93
CA TYR A 34 -1.29 10.13 6.16
C TYR A 34 -0.13 9.44 6.87
N CYS A 35 -0.30 8.14 7.12
CA CYS A 35 0.72 7.35 7.80
C CYS A 35 2.10 7.63 7.21
N CYS A 36 2.31 7.19 5.98
CA CYS A 36 3.58 7.39 5.30
C CYS A 36 3.38 8.00 3.92
N PRO A 37 3.26 9.34 3.88
CA PRO A 37 3.07 10.08 2.62
C PRO A 37 4.29 10.05 1.73
N GLU A 38 5.37 9.46 2.23
CA GLU A 38 6.62 9.38 1.47
C GLU A 38 6.42 8.59 0.19
N MET A 39 6.02 7.33 0.33
CA MET A 39 5.78 6.46 -0.82
C MET A 39 4.51 6.86 -1.55
N VAL A 40 3.44 7.07 -0.78
CA VAL A 40 2.15 7.45 -1.36
C VAL A 40 2.34 8.48 -2.48
N GLU A 41 1.82 8.16 -3.65
CA GLU A 41 1.92 9.06 -4.80
C GLU A 41 1.33 10.43 -4.48
N TYR A 42 2.19 11.41 -4.27
CA TYR A 42 1.76 12.76 -3.95
C TYR A 42 2.77 13.79 -4.46
N GLN A 43 2.25 14.85 -5.08
CA GLN A 43 3.11 15.91 -5.60
C GLN A 43 2.74 17.26 -5.01
N SER A 44 3.74 17.97 -4.52
CA SER A 44 3.52 19.29 -3.91
C SER A 44 4.16 20.39 -4.74
N GLY A 45 3.75 21.63 -4.48
CA GLY A 45 4.30 22.75 -5.22
C GLY A 45 3.94 22.72 -6.70
N PRO A 46 4.25 23.80 -7.42
CA PRO A 46 4.91 24.97 -6.83
C PRO A 46 4.00 25.74 -5.89
N SER A 47 2.71 25.45 -5.94
CA SER A 47 1.73 26.12 -5.10
C SER A 47 1.72 25.52 -3.70
N SER A 48 1.20 24.30 -3.59
CA SER A 48 1.13 23.60 -2.31
C SER A 48 2.52 23.41 -1.72
N GLY A 49 2.62 23.51 -0.40
CA GLY A 49 3.90 23.34 0.27
C GLY A 49 5.02 24.06 -0.44
ZN ZN B . 1.14 2.58 7.77
N GLY A 1 -13.75 -25.09 13.14
CA GLY A 1 -13.33 -25.77 11.93
C GLY A 1 -11.92 -25.37 11.51
N SER A 2 -11.37 -26.10 10.55
CA SER A 2 -10.03 -25.82 10.05
C SER A 2 -10.00 -25.83 8.52
N SER A 3 -8.94 -25.25 7.96
CA SER A 3 -8.80 -25.19 6.50
C SER A 3 -7.69 -26.14 6.04
N GLY A 4 -7.84 -26.65 4.81
CA GLY A 4 -6.84 -27.55 4.27
C GLY A 4 -6.16 -26.99 3.04
N SER A 5 -5.33 -25.96 3.24
CA SER A 5 -4.61 -25.34 2.14
C SER A 5 -3.14 -25.75 2.13
N SER A 6 -2.59 -25.92 0.94
CA SER A 6 -1.20 -26.33 0.80
C SER A 6 -0.27 -25.31 1.45
N GLY A 7 -0.44 -24.04 1.09
CA GLY A 7 0.39 -22.99 1.65
C GLY A 7 -0.37 -21.71 1.87
N GLN A 8 0.00 -20.97 2.91
CA GLN A 8 -0.66 -19.71 3.23
C GLN A 8 0.33 -18.54 3.20
N ASP A 9 1.46 -18.73 3.87
CA ASP A 9 2.49 -17.70 3.93
C ASP A 9 2.89 -17.26 2.52
N GLY A 10 2.41 -16.09 2.11
CA GLY A 10 2.72 -15.58 0.80
C GLY A 10 3.04 -14.10 0.82
N GLY A 11 2.19 -13.29 0.17
CA GLY A 11 2.42 -11.86 0.12
C GLY A 11 1.16 -11.09 -0.24
N ARG A 12 0.69 -10.27 0.69
CA ARG A 12 -0.52 -9.48 0.47
C ARG A 12 -0.25 -8.00 0.76
N LYS A 13 -1.23 -7.16 0.45
CA LYS A 13 -1.11 -5.72 0.67
C LYS A 13 -0.94 -5.42 2.15
N ILE A 14 0.25 -4.96 2.52
CA ILE A 14 0.54 -4.63 3.91
C ILE A 14 1.49 -3.44 4.00
N CYS A 15 0.99 -2.34 4.57
CA CYS A 15 1.79 -1.13 4.72
C CYS A 15 3.23 -1.47 5.13
N PRO A 16 4.18 -1.16 4.25
CA PRO A 16 5.61 -1.42 4.50
C PRO A 16 6.18 -0.52 5.59
N ARG A 17 5.31 0.26 6.22
CA ARG A 17 5.73 1.17 7.28
C ARG A 17 5.26 0.67 8.64
N CYS A 18 3.95 0.44 8.76
CA CYS A 18 3.36 -0.03 10.01
C CYS A 18 2.70 -1.40 9.81
N ASN A 19 3.16 -2.12 8.79
CA ASN A 19 2.61 -3.44 8.50
C ASN A 19 1.12 -3.49 8.80
N ALA A 20 0.44 -2.38 8.58
CA ALA A 20 -1.00 -2.30 8.82
C ALA A 20 -1.76 -3.31 7.97
N GLN A 21 -2.68 -4.03 8.59
CA GLN A 21 -3.47 -5.03 7.89
C GLN A 21 -4.82 -4.45 7.45
N PHE A 22 -5.05 -4.43 6.14
CA PHE A 22 -6.30 -3.90 5.60
C PHE A 22 -6.97 -4.93 4.69
N ARG A 23 -8.24 -4.68 4.37
CA ARG A 23 -9.00 -5.58 3.51
C ARG A 23 -9.25 -4.94 2.15
N VAL A 24 -9.72 -3.70 2.16
CA VAL A 24 -10.00 -2.98 0.93
C VAL A 24 -8.87 -2.01 0.58
N THR A 25 -8.82 -1.60 -0.68
CA THR A 25 -7.79 -0.68 -1.15
C THR A 25 -7.97 0.70 -0.52
N GLU A 26 -9.12 1.33 -0.80
CA GLU A 26 -9.40 2.65 -0.26
C GLU A 26 -8.83 2.81 1.14
N ALA A 27 -8.84 1.72 1.91
CA ALA A 27 -8.31 1.75 3.27
C ALA A 27 -6.83 2.08 3.28
N LEU A 28 -6.04 1.31 2.54
CA LEU A 28 -4.60 1.53 2.46
C LEU A 28 -4.29 2.88 1.81
N ARG A 29 -5.00 3.19 0.73
CA ARG A 29 -4.80 4.44 0.02
C ARG A 29 -4.76 5.62 0.98
N GLY A 30 -5.82 5.74 1.79
CA GLY A 30 -5.90 6.83 2.75
C GLY A 30 -4.96 6.64 3.91
N HIS A 31 -5.13 5.54 4.64
CA HIS A 31 -4.30 5.24 5.80
C HIS A 31 -2.83 5.52 5.49
N MET A 32 -2.38 5.09 4.32
CA MET A 32 -1.00 5.29 3.91
C MET A 32 -0.72 6.78 3.67
N CYS A 33 -1.61 7.44 2.94
CA CYS A 33 -1.47 8.85 2.64
C CYS A 33 -1.04 9.63 3.88
N TYR A 34 -1.75 9.40 4.99
CA TYR A 34 -1.45 10.09 6.23
C TYR A 34 -0.31 9.39 6.98
N CYS A 35 -0.40 8.06 7.08
CA CYS A 35 0.61 7.29 7.76
C CYS A 35 2.00 7.59 7.21
N CYS A 36 2.21 7.26 5.93
CA CYS A 36 3.48 7.50 5.28
C CYS A 36 3.29 8.18 3.93
N PRO A 37 3.13 9.52 3.95
CA PRO A 37 2.94 10.32 2.74
C PRO A 37 4.20 10.37 1.87
N GLU A 38 5.34 10.09 2.48
CA GLU A 38 6.62 10.11 1.77
C GLU A 38 6.59 9.14 0.59
N MET A 39 6.32 7.87 0.87
CA MET A 39 6.27 6.84 -0.15
C MET A 39 5.09 7.08 -1.09
N VAL A 40 3.89 7.13 -0.51
CA VAL A 40 2.68 7.35 -1.30
C VAL A 40 2.86 8.51 -2.29
N GLU A 41 3.37 9.63 -1.79
CA GLU A 41 3.59 10.80 -2.62
C GLU A 41 5.02 11.32 -2.46
N TYR A 42 5.85 11.09 -3.48
CA TYR A 42 7.23 11.54 -3.44
C TYR A 42 7.33 12.98 -2.98
N GLN A 43 6.63 13.88 -3.69
CA GLN A 43 6.65 15.29 -3.34
C GLN A 43 5.23 15.82 -3.15
N SER A 44 4.68 15.61 -1.97
CA SER A 44 3.33 16.06 -1.65
C SER A 44 3.33 17.50 -1.14
N GLY A 45 4.22 17.77 -0.18
CA GLY A 45 4.32 19.11 0.37
C GLY A 45 3.07 19.50 1.15
N PRO A 46 3.15 20.63 1.87
CA PRO A 46 4.36 21.47 1.90
C PRO A 46 5.49 20.80 2.66
N SER A 47 6.65 21.47 2.68
CA SER A 47 7.83 20.94 3.37
C SER A 47 7.88 21.44 4.80
N SER A 48 7.96 22.76 4.97
CA SER A 48 8.02 23.37 6.29
C SER A 48 7.54 24.81 6.25
N GLY A 49 7.35 25.40 7.43
CA GLY A 49 6.90 26.77 7.51
C GLY A 49 5.45 26.87 7.94
ZN ZN B . 1.03 2.50 7.65
#